data_3DOZ
#
_entry.id   3DOZ
#
_cell.length_a   73.737
_cell.length_b   100.215
_cell.length_c   186.564
_cell.angle_alpha   90.000
_cell.angle_beta   90.000
_cell.angle_gamma   90.000
#
_symmetry.space_group_name_H-M   'P 21 21 21'
#
loop_
_entity.id
_entity.type
_entity.pdbx_description
1 polymer '(3R)-hydroxymyristoyl-acyl carrier protein dehydratase'
2 non-polymer 'CHLORIDE ION'
3 non-polymer BENZAMIDINE
4 non-polymer "3-bromo-N'-[(1E)-(3,5-dibromo-2,4-dihydroxyphenyl)methylidene]benzohydrazide"
5 water water
#
_entity_poly.entity_id   1
_entity_poly.type   'polypeptide(L)'
_entity_poly.pdbx_seq_one_letter_code
;MEQSHQNLQSQFFIEHILQILPHRYPMLLVDRITELQANQKIVAYKNITFNEDVFNGHFPNKPIFPGVLIVEGMAQSGGF
LAFTSLWGFDPEIAKTKIVYFMTIDKVKFRIPVTPGDRLEYHLEVLKHKGMIWQVGGTAQVDGKVVAEAELKAMIAERE
;
_entity_poly.pdbx_strand_id   A,B,C,D,E,F
#
loop_
_chem_comp.id
_chem_comp.type
_chem_comp.name
_chem_comp.formula
3BE non-polymer 3-bromo-N'-[(1E)-(3,5-dibromo-2,4-dihydroxyphenyl)methylidene]benzohydrazide 'C14 H9 Br3 N2 O3'
BEN non-polymer BENZAMIDINE 'C7 H8 N2'
CL non-polymer 'CHLORIDE ION' 'Cl -1'
#
# COMPACT_ATOMS: atom_id res chain seq x y z
N GLN A 9 28.07 -10.59 -18.36
CA GLN A 9 26.93 -10.16 -19.22
C GLN A 9 26.92 -8.64 -19.28
N SER A 10 26.20 -8.11 -20.27
CA SER A 10 26.08 -6.66 -20.47
C SER A 10 24.62 -6.22 -20.47
N GLN A 11 23.71 -7.20 -20.50
CA GLN A 11 22.27 -6.98 -20.43
C GLN A 11 21.73 -7.86 -19.29
N PHE A 12 21.08 -7.23 -18.32
CA PHE A 12 20.51 -7.94 -17.17
C PHE A 12 19.07 -7.52 -17.00
N PHE A 13 18.21 -8.49 -16.67
CA PHE A 13 16.79 -8.24 -16.46
C PHE A 13 16.49 -8.25 -14.96
N ILE A 14 15.27 -7.86 -14.59
CA ILE A 14 14.86 -7.78 -13.19
C ILE A 14 15.27 -8.96 -12.30
N GLU A 15 15.18 -10.19 -12.78
CA GLU A 15 15.59 -11.32 -11.94
C GLU A 15 17.05 -11.19 -11.54
N HIS A 16 17.87 -10.64 -12.43
CA HIS A 16 19.30 -10.48 -12.16
C HIS A 16 19.54 -9.35 -11.17
N ILE A 17 18.86 -8.23 -11.40
CA ILE A 17 18.97 -7.07 -10.54
C ILE A 17 18.60 -7.49 -9.12
N LEU A 18 17.54 -8.30 -9.01
CA LEU A 18 17.06 -8.79 -7.73
C LEU A 18 18.08 -9.63 -6.94
N GLN A 19 19.03 -10.23 -7.64
CA GLN A 19 20.06 -11.05 -6.99
C GLN A 19 21.29 -10.22 -6.64
N ILE A 20 21.34 -9.01 -7.17
CA ILE A 20 22.46 -8.13 -6.93
C ILE A 20 22.13 -6.96 -6.00
N LEU A 21 20.98 -6.33 -6.19
CA LEU A 21 20.62 -5.22 -5.30
C LEU A 21 19.78 -5.68 -4.11
N PRO A 22 20.02 -5.11 -2.94
CA PRO A 22 19.25 -5.49 -1.75
C PRO A 22 17.90 -4.76 -1.73
N HIS A 23 17.82 -3.67 -2.49
CA HIS A 23 16.58 -2.90 -2.57
C HIS A 23 15.37 -3.77 -2.94
N ARG A 24 14.22 -3.41 -2.39
CA ARG A 24 12.99 -4.13 -2.67
C ARG A 24 11.84 -3.14 -2.69
N TYR A 25 10.66 -3.61 -3.07
CA TYR A 25 9.49 -2.74 -3.13
C TYR A 25 9.30 -2.00 -1.81
N PRO A 26 9.04 -0.69 -1.85
CA PRO A 26 8.92 0.19 -3.02
C PRO A 26 10.16 1.06 -3.23
N MET A 27 11.34 0.45 -3.08
CA MET A 27 12.57 1.19 -3.25
C MET A 27 13.53 0.65 -4.29
N LEU A 28 13.12 -0.40 -5.01
CA LEU A 28 13.96 -0.94 -6.07
C LEU A 28 13.55 -0.11 -7.27
N LEU A 29 14.42 0.79 -7.71
CA LEU A 29 14.07 1.68 -8.80
C LEU A 29 14.78 1.48 -10.12
N VAL A 30 15.05 0.23 -10.47
CA VAL A 30 15.70 -0.10 -11.73
C VAL A 30 15.08 -1.39 -12.24
N ASP A 31 14.51 -1.34 -13.44
CA ASP A 31 13.85 -2.50 -14.03
C ASP A 31 14.73 -3.35 -14.94
N ARG A 32 15.69 -2.72 -15.61
CA ARG A 32 16.51 -3.46 -16.55
C ARG A 32 17.82 -2.74 -16.86
N ILE A 33 18.83 -3.50 -17.26
CA ILE A 33 20.14 -2.95 -17.61
C ILE A 33 20.44 -3.32 -19.05
N THR A 34 20.57 -2.31 -19.90
CA THR A 34 20.84 -2.54 -21.31
C THR A 34 22.30 -2.55 -21.73
N GLU A 35 23.16 -1.87 -20.96
CA GLU A 35 24.58 -1.84 -21.26
C GLU A 35 25.39 -1.82 -19.98
N LEU A 36 26.46 -2.61 -19.95
CA LEU A 36 27.33 -2.66 -18.79
C LEU A 36 28.76 -2.90 -19.27
N GLN A 37 29.62 -1.92 -18.99
CA GLN A 37 31.06 -1.98 -19.23
C GLN A 37 31.77 -1.89 -17.88
N ALA A 38 32.46 -2.95 -17.50
CA ALA A 38 33.12 -2.98 -16.20
C ALA A 38 33.96 -1.74 -15.93
N ASN A 39 33.86 -1.23 -14.70
CA ASN A 39 34.73 -0.17 -14.23
C ASN A 39 34.60 1.09 -15.06
N GLN A 40 33.55 1.12 -15.87
CA GLN A 40 33.44 2.13 -16.91
C GLN A 40 32.05 2.74 -16.96
N LYS A 41 31.07 1.96 -17.39
CA LYS A 41 29.74 2.50 -17.58
C LYS A 41 28.60 1.50 -17.46
N ILE A 42 27.42 2.00 -17.16
CA ILE A 42 26.24 1.18 -17.12
C ILE A 42 25.10 2.03 -17.64
N VAL A 43 24.18 1.38 -18.34
CA VAL A 43 23.00 2.05 -18.86
C VAL A 43 21.83 1.15 -18.48
N ALA A 44 20.89 1.71 -17.73
CA ALA A 44 19.73 0.97 -17.29
C ALA A 44 18.50 1.88 -17.37
N TYR A 45 17.33 1.32 -17.04
CA TYR A 45 16.13 2.13 -17.07
C TYR A 45 15.05 1.67 -16.10
N LYS A 46 14.14 2.58 -15.81
CA LYS A 46 13.02 2.29 -14.93
C LYS A 46 11.79 2.81 -15.65
N ASN A 47 10.78 1.96 -15.80
CA ASN A 47 9.56 2.39 -16.46
C ASN A 47 8.76 3.18 -15.46
N ILE A 48 8.09 4.22 -15.93
CA ILE A 48 7.27 5.01 -15.05
C ILE A 48 5.84 4.81 -15.48
N THR A 49 5.00 4.42 -14.52
CA THR A 49 3.60 4.15 -14.79
C THR A 49 2.75 4.77 -13.69
N PHE A 50 1.52 5.15 -14.04
CA PHE A 50 0.63 5.75 -13.07
C PHE A 50 0.38 4.78 -11.92
N ASN A 51 0.53 3.49 -12.21
CA ASN A 51 0.31 2.45 -11.22
C ASN A 51 1.36 2.32 -10.09
N GLU A 52 2.01 3.43 -9.74
CA GLU A 52 3.00 3.41 -8.67
C GLU A 52 2.50 4.21 -7.48
N ASP A 53 2.67 3.66 -6.29
CA ASP A 53 2.19 4.30 -5.07
C ASP A 53 2.63 5.76 -4.91
N VAL A 54 3.82 6.11 -5.34
CA VAL A 54 4.29 7.49 -5.20
C VAL A 54 3.39 8.53 -5.80
N PHE A 55 2.76 8.21 -6.92
CA PHE A 55 1.93 9.18 -7.59
C PHE A 55 0.67 9.56 -6.84
N ASN A 56 0.34 8.78 -5.82
CA ASN A 56 -0.83 9.13 -5.04
C ASN A 56 -0.59 10.49 -4.36
N GLY A 57 0.64 10.71 -3.91
CA GLY A 57 0.92 11.95 -3.25
C GLY A 57 1.95 12.87 -3.88
N HIS A 58 2.22 12.72 -5.17
CA HIS A 58 3.22 13.55 -5.81
C HIS A 58 3.01 13.65 -7.32
N PHE A 59 1.97 14.37 -7.74
CA PHE A 59 1.04 15.03 -6.82
C PHE A 59 -0.39 14.66 -7.23
N PRO A 60 -1.36 14.88 -6.34
CA PRO A 60 -2.75 14.55 -6.67
C PRO A 60 -3.17 15.26 -7.95
N ASN A 61 -3.64 14.49 -8.93
CA ASN A 61 -4.07 15.03 -10.22
C ASN A 61 -2.97 15.67 -11.05
N LYS A 62 -1.71 15.41 -10.68
CA LYS A 62 -0.57 15.94 -11.41
C LYS A 62 0.60 15.01 -11.15
N PRO A 63 0.55 13.79 -11.73
CA PRO A 63 1.57 12.75 -11.59
C PRO A 63 2.95 13.23 -12.02
N ILE A 64 3.90 13.23 -11.09
CA ILE A 64 5.27 13.64 -11.38
C ILE A 64 6.26 12.81 -10.56
N PHE A 65 7.05 11.99 -11.23
CA PHE A 65 8.03 11.14 -10.55
C PHE A 65 9.03 12.03 -9.81
N PRO A 66 9.19 11.81 -8.49
CA PRO A 66 10.11 12.61 -7.66
C PRO A 66 11.56 12.68 -8.16
N GLY A 67 12.10 13.90 -8.20
CA GLY A 67 13.46 14.11 -8.64
C GLY A 67 14.45 13.35 -7.77
N VAL A 68 14.23 13.36 -6.46
CA VAL A 68 15.14 12.64 -5.58
C VAL A 68 15.11 11.15 -5.92
N LEU A 69 13.94 10.65 -6.32
CA LEU A 69 13.84 9.24 -6.67
C LEU A 69 14.60 8.94 -7.96
N ILE A 70 14.70 9.92 -8.86
CA ILE A 70 15.45 9.74 -10.09
C ILE A 70 16.92 9.53 -9.66
N VAL A 71 17.41 10.41 -8.79
CA VAL A 71 18.76 10.31 -8.30
C VAL A 71 19.01 8.92 -7.72
N GLU A 72 18.07 8.46 -6.90
CA GLU A 72 18.14 7.15 -6.28
C GLU A 72 18.30 6.06 -7.33
N GLY A 73 17.56 6.17 -8.43
CA GLY A 73 17.66 5.19 -9.51
C GLY A 73 19.02 5.26 -10.19
N MET A 74 19.56 6.46 -10.32
CA MET A 74 20.88 6.62 -10.92
C MET A 74 21.88 5.96 -9.99
N ALA A 75 21.72 6.23 -8.69
CA ALA A 75 22.59 5.67 -7.68
C ALA A 75 22.54 4.13 -7.58
N GLN A 76 21.36 3.55 -7.64
CA GLN A 76 21.24 2.09 -7.58
C GLN A 76 21.93 1.48 -8.79
N SER A 77 21.83 2.18 -9.93
CA SER A 77 22.46 1.72 -11.15
C SER A 77 23.97 1.74 -10.91
N GLY A 78 24.46 2.86 -10.41
CA GLY A 78 25.87 2.99 -10.12
C GLY A 78 26.29 1.85 -9.21
N GLY A 79 25.48 1.62 -8.17
CA GLY A 79 25.77 0.56 -7.22
C GLY A 79 25.93 -0.80 -7.87
N PHE A 80 25.05 -1.09 -8.83
CA PHE A 80 25.09 -2.35 -9.55
C PHE A 80 26.39 -2.40 -10.32
N LEU A 81 26.68 -1.29 -10.98
CA LEU A 81 27.90 -1.17 -11.76
C LEU A 81 29.12 -1.41 -10.87
N ALA A 82 29.15 -0.74 -9.73
CA ALA A 82 30.26 -0.88 -8.81
C ALA A 82 30.45 -2.33 -8.36
N PHE A 83 29.41 -2.93 -7.84
CA PHE A 83 29.50 -4.30 -7.37
C PHE A 83 29.96 -5.28 -8.46
N THR A 84 29.24 -5.30 -9.59
CA THR A 84 29.60 -6.22 -10.66
C THR A 84 30.98 -5.94 -11.24
N SER A 85 31.44 -4.70 -11.16
CA SER A 85 32.78 -4.41 -11.67
C SER A 85 33.80 -5.19 -10.86
N LEU A 86 33.50 -5.35 -9.57
CA LEU A 86 34.38 -6.05 -8.65
C LEU A 86 34.26 -7.57 -8.56
N TRP A 87 33.07 -8.08 -8.25
CA TRP A 87 32.92 -9.53 -8.11
C TRP A 87 32.16 -10.18 -9.26
N GLY A 88 31.71 -9.36 -10.20
CA GLY A 88 30.96 -9.90 -11.31
C GLY A 88 29.58 -10.28 -10.80
N PHE A 89 28.88 -11.13 -11.54
CA PHE A 89 27.56 -11.55 -11.13
C PHE A 89 27.68 -12.65 -10.08
N ASP A 90 27.98 -12.25 -8.85
CA ASP A 90 28.15 -13.18 -7.75
C ASP A 90 27.06 -12.94 -6.70
N PRO A 91 25.85 -13.51 -6.92
CA PRO A 91 24.75 -13.35 -5.98
C PRO A 91 25.07 -13.61 -4.50
N GLU A 92 25.85 -14.66 -4.22
CA GLU A 92 26.18 -15.02 -2.83
C GLU A 92 26.93 -13.91 -2.12
N ILE A 93 27.86 -13.28 -2.83
CA ILE A 93 28.62 -12.18 -2.26
C ILE A 93 27.82 -10.90 -2.19
N ALA A 94 26.95 -10.64 -3.16
CA ALA A 94 26.14 -9.43 -3.14
C ALA A 94 25.30 -9.41 -1.87
N LYS A 95 24.81 -10.59 -1.50
CA LYS A 95 24.00 -10.74 -0.30
C LYS A 95 24.72 -10.25 0.95
N THR A 96 26.04 -10.12 0.89
CA THR A 96 26.81 -9.69 2.06
C THR A 96 27.25 -8.23 2.04
N LYS A 97 27.08 -7.58 0.91
CA LYS A 97 27.49 -6.19 0.80
C LYS A 97 26.29 -5.30 0.59
N ILE A 98 26.53 -4.00 0.73
CA ILE A 98 25.48 -3.01 0.55
C ILE A 98 26.17 -1.71 0.14
N VAL A 99 25.50 -0.95 -0.71
CA VAL A 99 26.05 0.30 -1.20
C VAL A 99 25.35 1.46 -0.52
N TYR A 100 26.13 2.39 0.02
CA TYR A 100 25.57 3.57 0.68
C TYR A 100 26.10 4.80 -0.07
N PHE A 101 25.31 5.87 -0.13
CA PHE A 101 25.81 7.09 -0.77
C PHE A 101 26.60 7.82 0.30
N MET A 102 27.59 8.59 -0.11
CA MET A 102 28.38 9.36 0.83
C MET A 102 28.09 10.81 0.47
N THR A 103 28.04 11.07 -0.83
CA THR A 103 27.78 12.40 -1.35
C THR A 103 26.97 12.39 -2.64
N ILE A 104 26.36 13.53 -2.93
CA ILE A 104 25.58 13.74 -4.15
C ILE A 104 25.85 15.20 -4.52
N ASP A 105 26.28 15.43 -5.77
CA ASP A 105 26.60 16.79 -6.23
C ASP A 105 26.12 17.09 -7.63
N LYS A 106 26.09 18.37 -7.96
CA LYS A 106 25.69 18.83 -9.28
C LYS A 106 24.41 18.20 -9.79
N VAL A 107 23.44 18.00 -8.90
CA VAL A 107 22.16 17.45 -9.29
C VAL A 107 21.39 18.59 -9.93
N LYS A 108 20.87 18.33 -11.12
CA LYS A 108 20.10 19.34 -11.83
C LYS A 108 18.90 18.66 -12.47
N PHE A 109 17.71 19.18 -12.19
CA PHE A 109 16.48 18.63 -12.76
C PHE A 109 16.09 19.51 -13.93
N ARG A 110 15.94 18.92 -15.11
CA ARG A 110 15.61 19.69 -16.29
C ARG A 110 14.21 19.51 -16.83
N ILE A 111 13.73 18.26 -16.79
CA ILE A 111 12.40 17.96 -17.31
C ILE A 111 11.60 17.05 -16.37
N PRO A 112 10.31 17.34 -16.20
CA PRO A 112 9.58 16.45 -15.30
C PRO A 112 9.33 15.06 -15.91
N VAL A 113 9.52 14.04 -15.10
CA VAL A 113 9.32 12.66 -15.53
C VAL A 113 7.89 12.27 -15.17
N THR A 114 7.16 11.71 -16.12
CA THR A 114 5.77 11.35 -15.89
C THR A 114 5.37 9.95 -16.34
N PRO A 115 4.19 9.47 -15.91
CA PRO A 115 3.72 8.14 -16.31
C PRO A 115 3.82 7.95 -17.82
N GLY A 116 4.26 6.76 -18.22
CA GLY A 116 4.41 6.46 -19.64
C GLY A 116 5.84 6.68 -20.08
N ASP A 117 6.61 7.35 -19.22
CA ASP A 117 8.01 7.65 -19.49
C ASP A 117 8.91 6.45 -19.20
N ARG A 118 9.97 6.34 -19.97
CA ARG A 118 10.96 5.30 -19.78
C ARG A 118 12.20 6.06 -19.30
N LEU A 119 12.41 6.07 -17.99
CA LEU A 119 13.51 6.80 -17.39
C LEU A 119 14.81 6.02 -17.51
N GLU A 120 15.61 6.38 -18.50
CA GLU A 120 16.88 5.71 -18.75
C GLU A 120 18.05 6.33 -17.97
N TYR A 121 18.75 5.50 -17.21
CA TYR A 121 19.89 5.94 -16.41
C TYR A 121 21.22 5.75 -17.15
N HIS A 122 21.96 6.84 -17.33
CA HIS A 122 23.25 6.78 -17.98
C HIS A 122 24.28 7.17 -16.90
N LEU A 123 25.00 6.18 -16.38
CA LEU A 123 26.02 6.45 -15.37
C LEU A 123 27.39 5.98 -15.82
N GLU A 124 28.40 6.79 -15.54
CA GLU A 124 29.77 6.46 -15.91
C GLU A 124 30.70 6.58 -14.69
N VAL A 125 31.78 5.81 -14.70
CA VAL A 125 32.74 5.82 -13.61
C VAL A 125 33.73 6.99 -13.66
N LEU A 126 33.65 7.89 -12.68
CA LEU A 126 34.55 9.03 -12.61
C LEU A 126 35.83 8.62 -11.89
N LYS A 127 35.68 7.88 -10.80
CA LYS A 127 36.83 7.38 -10.04
C LYS A 127 36.47 6.13 -9.24
N HIS A 128 37.40 5.21 -9.12
CA HIS A 128 37.11 4.01 -8.36
C HIS A 128 38.37 3.46 -7.67
N LYS A 129 38.39 3.55 -6.35
CA LYS A 129 39.50 3.03 -5.58
C LYS A 129 38.92 2.06 -4.54
N GLY A 130 39.19 0.78 -4.73
CA GLY A 130 38.68 -0.20 -3.81
C GLY A 130 37.17 -0.17 -3.73
N MET A 131 36.65 0.02 -2.52
CA MET A 131 35.21 0.03 -2.31
C MET A 131 34.57 1.40 -2.48
N ILE A 132 35.38 2.42 -2.74
CA ILE A 132 34.85 3.78 -2.93
C ILE A 132 34.72 4.12 -4.42
N TRP A 133 33.50 4.46 -4.84
CA TRP A 133 33.21 4.76 -6.24
C TRP A 133 32.56 6.12 -6.48
N GLN A 134 32.99 6.80 -7.55
CA GLN A 134 32.44 8.10 -7.93
C GLN A 134 31.83 7.99 -9.32
N VAL A 135 30.55 8.35 -9.44
CA VAL A 135 29.88 8.25 -10.72
C VAL A 135 29.03 9.43 -11.12
N GLY A 136 29.22 9.89 -12.35
CA GLY A 136 28.44 11.00 -12.85
C GLY A 136 27.50 10.45 -13.89
N GLY A 137 26.60 11.28 -14.40
CA GLY A 137 25.69 10.81 -15.41
C GLY A 137 24.37 11.54 -15.49
N THR A 138 23.43 10.95 -16.21
CA THR A 138 22.14 11.58 -16.37
C THR A 138 21.02 10.55 -16.45
N ALA A 139 19.80 11.06 -16.32
CA ALA A 139 18.59 10.26 -16.46
C ALA A 139 18.03 10.87 -17.74
N GLN A 140 17.66 10.02 -18.68
CA GLN A 140 17.15 10.49 -19.95
C GLN A 140 15.80 9.91 -20.31
N VAL A 141 15.05 10.70 -21.08
CA VAL A 141 13.74 10.29 -21.56
C VAL A 141 13.73 10.65 -23.03
N ASP A 142 13.60 9.63 -23.87
CA ASP A 142 13.58 9.83 -25.32
C ASP A 142 14.78 10.64 -25.81
N GLY A 143 15.98 10.26 -25.35
CA GLY A 143 17.19 10.94 -25.75
C GLY A 143 17.42 12.33 -25.19
N LYS A 144 16.45 12.87 -24.44
CA LYS A 144 16.62 14.21 -23.86
C LYS A 144 16.96 14.11 -22.37
N VAL A 145 17.95 14.88 -21.94
CA VAL A 145 18.38 14.88 -20.54
C VAL A 145 17.29 15.47 -19.66
N VAL A 146 16.83 14.68 -18.69
CA VAL A 146 15.77 15.13 -17.78
C VAL A 146 16.33 15.44 -16.39
N ALA A 147 17.53 14.94 -16.14
CA ALA A 147 18.22 15.15 -14.86
C ALA A 147 19.66 14.70 -14.98
N GLU A 148 20.52 15.23 -14.12
CA GLU A 148 21.93 14.89 -14.10
C GLU A 148 22.45 14.98 -12.67
N ALA A 149 23.43 14.15 -12.34
CA ALA A 149 23.97 14.17 -10.99
C ALA A 149 25.27 13.39 -10.84
N GLU A 150 25.97 13.67 -9.76
CA GLU A 150 27.22 12.97 -9.45
C GLU A 150 27.09 12.53 -8.01
N LEU A 151 27.69 11.39 -7.70
CA LEU A 151 27.64 10.89 -6.35
C LEU A 151 28.81 9.95 -6.13
N LYS A 152 29.21 9.84 -4.87
CA LYS A 152 30.28 8.96 -4.49
C LYS A 152 29.62 7.93 -3.60
N ALA A 153 29.78 6.67 -3.95
CA ALA A 153 29.17 5.61 -3.17
C ALA A 153 30.23 4.83 -2.42
N MET A 154 29.74 3.98 -1.53
CA MET A 154 30.58 3.12 -0.70
C MET A 154 29.95 1.73 -0.69
N ILE A 155 30.82 0.72 -0.78
CA ILE A 155 30.42 -0.67 -0.75
C ILE A 155 30.76 -1.09 0.66
N ALA A 156 29.74 -1.36 1.45
CA ALA A 156 29.97 -1.75 2.83
C ALA A 156 29.50 -3.16 3.12
N GLU A 157 29.75 -3.57 4.35
CA GLU A 157 29.33 -4.88 4.82
C GLU A 157 27.87 -4.75 5.25
N ARG A 158 27.02 -5.69 4.84
CA ARG A 158 25.63 -5.66 5.27
C ARG A 158 25.77 -5.78 6.78
N GLU A 159 26.85 -6.44 7.21
CA GLU A 159 27.17 -6.63 8.63
C GLU A 159 28.67 -6.55 8.89
N SER B 10 4.57 30.97 13.86
CA SER B 10 5.96 30.43 13.86
C SER B 10 6.04 28.89 14.06
N GLN B 11 4.96 28.29 14.60
CA GLN B 11 4.90 26.84 14.79
C GLN B 11 3.66 26.28 14.09
N PHE B 12 3.88 25.45 13.07
CA PHE B 12 2.77 24.90 12.32
C PHE B 12 2.70 23.37 12.44
N PHE B 13 1.50 22.86 12.67
CA PHE B 13 1.31 21.42 12.77
C PHE B 13 0.90 20.80 11.44
N ILE B 14 0.87 19.48 11.40
CA ILE B 14 0.55 18.78 10.17
C ILE B 14 -0.60 19.39 9.35
N GLU B 15 -1.68 19.78 10.00
CA GLU B 15 -2.81 20.37 9.25
C GLU B 15 -2.43 21.63 8.49
N HIS B 16 -1.66 22.51 9.13
CA HIS B 16 -1.24 23.73 8.47
C HIS B 16 -0.34 23.36 7.29
N ILE B 17 0.54 22.38 7.49
CA ILE B 17 1.43 21.95 6.43
C ILE B 17 0.60 21.47 5.24
N LEU B 18 -0.44 20.70 5.52
CA LEU B 18 -1.31 20.17 4.48
C LEU B 18 -1.98 21.25 3.62
N GLN B 19 -2.14 22.46 4.17
CA GLN B 19 -2.76 23.53 3.43
C GLN B 19 -1.75 24.32 2.58
N ILE B 20 -0.48 24.18 2.91
CA ILE B 20 0.57 24.89 2.18
C ILE B 20 1.23 24.04 1.11
N LEU B 21 1.63 22.81 1.47
CA LEU B 21 2.26 21.90 0.53
C LEU B 21 1.26 21.03 -0.24
N PRO B 22 1.50 20.80 -1.54
CA PRO B 22 0.60 19.97 -2.34
C PRO B 22 0.87 18.48 -2.16
N HIS B 23 1.98 18.19 -1.50
CA HIS B 23 2.41 16.81 -1.24
C HIS B 23 1.47 16.01 -0.35
N ARG B 24 1.28 14.76 -0.71
CA ARG B 24 0.41 13.89 0.06
C ARG B 24 1.08 12.53 0.25
N TYR B 25 0.43 11.65 1.01
CA TYR B 25 0.95 10.31 1.25
C TYR B 25 1.22 9.61 -0.07
N PRO B 26 2.38 8.95 -0.20
CA PRO B 26 3.44 8.80 0.79
C PRO B 26 4.64 9.67 0.45
N MET B 27 4.39 10.94 0.13
CA MET B 27 5.46 11.85 -0.22
C MET B 27 5.52 13.19 0.56
N LEU B 28 4.64 13.37 1.55
CA LEU B 28 4.70 14.58 2.38
C LEU B 28 5.59 14.18 3.55
N LEU B 29 6.86 14.58 3.52
CA LEU B 29 7.78 14.16 4.55
C LEU B 29 8.14 15.19 5.61
N VAL B 30 7.18 16.01 5.98
CA VAL B 30 7.40 17.03 7.00
C VAL B 30 6.21 16.97 7.95
N ASP B 31 6.45 16.59 9.20
CA ASP B 31 5.36 16.47 10.16
C ASP B 31 5.03 17.72 10.96
N ARG B 32 6.01 18.58 11.21
CA ARG B 32 5.75 19.75 12.02
C ARG B 32 6.85 20.81 11.91
N ILE B 33 6.45 22.07 11.87
CA ILE B 33 7.38 23.20 11.80
C ILE B 33 7.53 23.75 13.22
N THR B 34 8.73 23.64 13.81
CA THR B 34 8.92 24.15 15.16
C THR B 34 9.22 25.64 15.22
N GLU B 35 9.94 26.17 14.24
CA GLU B 35 10.27 27.60 14.21
C GLU B 35 10.47 28.07 12.78
N LEU B 36 10.14 29.34 12.53
CA LEU B 36 10.23 29.90 11.19
C LEU B 36 10.55 31.38 11.32
N GLN B 37 11.30 31.91 10.36
CA GLN B 37 11.64 33.33 10.34
C GLN B 37 11.75 33.72 8.88
N ALA B 38 10.87 34.61 8.45
CA ALA B 38 10.82 35.05 7.06
C ALA B 38 12.17 35.45 6.48
N ASN B 39 12.45 34.96 5.26
CA ASN B 39 13.68 35.23 4.53
C ASN B 39 14.94 34.73 5.25
N GLN B 40 14.78 34.05 6.38
CA GLN B 40 15.92 33.59 7.16
C GLN B 40 16.06 32.08 7.35
N LYS B 41 15.29 31.52 8.27
CA LYS B 41 15.43 30.10 8.52
C LYS B 41 14.17 29.36 8.93
N ILE B 42 14.29 28.04 8.94
CA ILE B 42 13.19 27.21 9.33
C ILE B 42 13.78 25.99 10.01
N VAL B 43 13.03 25.44 10.95
CA VAL B 43 13.41 24.22 11.63
C VAL B 43 12.10 23.42 11.69
N ALA B 44 12.11 22.24 11.10
CA ALA B 44 10.94 21.39 11.06
C ALA B 44 11.43 19.96 11.22
N TYR B 45 10.52 19.03 11.44
CA TYR B 45 10.94 17.66 11.57
C TYR B 45 9.91 16.64 11.10
N LYS B 46 10.42 15.45 10.81
CA LYS B 46 9.62 14.33 10.38
C LYS B 46 9.97 13.20 11.34
N ASN B 47 8.96 12.51 11.84
CA ASN B 47 9.22 11.39 12.73
C ASN B 47 9.47 10.17 11.87
N ILE B 48 10.38 9.31 12.32
CA ILE B 48 10.68 8.09 11.59
C ILE B 48 10.23 6.92 12.43
N THR B 49 9.37 6.09 11.84
CA THR B 49 8.82 4.93 12.51
C THR B 49 8.93 3.74 11.59
N PHE B 50 8.86 2.53 12.14
CA PHE B 50 8.94 1.32 11.33
C PHE B 50 7.68 1.18 10.50
N ASN B 51 6.61 1.85 10.94
CA ASN B 51 5.31 1.79 10.27
C ASN B 51 5.21 2.62 8.98
N GLU B 52 6.28 2.59 8.20
CA GLU B 52 6.29 3.32 6.94
C GLU B 52 6.54 2.34 5.80
N ASP B 53 5.69 2.39 4.79
CA ASP B 53 5.77 1.50 3.65
C ASP B 53 7.19 1.38 3.11
N VAL B 54 7.86 2.52 3.00
CA VAL B 54 9.22 2.59 2.49
C VAL B 54 10.19 1.59 3.10
N PHE B 55 9.99 1.22 4.35
CA PHE B 55 10.91 0.27 4.99
C PHE B 55 10.78 -1.16 4.48
N ASN B 56 9.67 -1.46 3.84
CA ASN B 56 9.48 -2.80 3.31
C ASN B 56 10.61 -3.13 2.34
N GLY B 57 11.17 -2.12 1.70
CA GLY B 57 12.24 -2.38 0.76
C GLY B 57 13.52 -1.59 0.97
N HIS B 58 13.67 -0.97 2.12
CA HIS B 58 14.88 -0.18 2.35
C HIS B 58 15.36 -0.22 3.79
N PHE B 59 15.81 -1.39 4.25
CA PHE B 59 15.86 -2.61 3.45
C PHE B 59 15.30 -3.75 4.30
N PRO B 60 14.88 -4.86 3.66
CA PRO B 60 14.33 -6.00 4.41
C PRO B 60 15.31 -6.42 5.50
N ASN B 61 14.83 -6.54 6.73
CA ASN B 61 15.67 -6.95 7.87
C ASN B 61 16.65 -5.86 8.36
N LYS B 62 16.65 -4.69 7.72
CA LYS B 62 17.54 -3.61 8.14
C LYS B 62 16.94 -2.26 7.71
N PRO B 63 16.10 -1.66 8.56
CA PRO B 63 15.46 -0.38 8.26
C PRO B 63 16.39 0.84 8.23
N ILE B 64 16.47 1.47 7.06
CA ILE B 64 17.29 2.66 6.89
C ILE B 64 16.51 3.66 6.06
N PHE B 65 16.12 4.76 6.69
CA PHE B 65 15.37 5.79 5.98
C PHE B 65 16.24 6.21 4.80
N PRO B 66 15.68 6.24 3.58
CA PRO B 66 16.45 6.64 2.40
C PRO B 66 17.07 8.04 2.50
N GLY B 67 18.34 8.14 2.13
CA GLY B 67 19.03 9.42 2.17
C GLY B 67 18.45 10.44 1.21
N VAL B 68 17.95 9.99 0.06
CA VAL B 68 17.35 10.88 -0.91
C VAL B 68 16.05 11.46 -0.35
N LEU B 69 15.44 10.71 0.56
CA LEU B 69 14.20 11.18 1.17
C LEU B 69 14.51 12.18 2.28
N ILE B 70 15.70 12.08 2.87
CA ILE B 70 16.09 13.03 3.89
C ILE B 70 16.19 14.36 3.16
N VAL B 71 16.76 14.31 1.96
CA VAL B 71 16.91 15.49 1.12
C VAL B 71 15.57 16.04 0.65
N GLU B 72 14.61 15.15 0.40
CA GLU B 72 13.29 15.57 -0.05
C GLU B 72 12.60 16.35 1.05
N GLY B 73 12.85 15.96 2.29
CA GLY B 73 12.27 16.62 3.44
C GLY B 73 12.89 17.98 3.71
N MET B 74 14.16 18.13 3.36
CA MET B 74 14.84 19.40 3.54
C MET B 74 14.29 20.32 2.46
N ALA B 75 13.99 19.73 1.31
CA ALA B 75 13.45 20.48 0.18
C ALA B 75 12.05 21.02 0.53
N GLN B 76 11.19 20.14 1.03
CA GLN B 76 9.86 20.55 1.41
C GLN B 76 9.93 21.61 2.51
N SER B 77 10.88 21.45 3.43
CA SER B 77 11.04 22.42 4.51
C SER B 77 11.45 23.76 3.93
N GLY B 78 12.45 23.71 3.05
CA GLY B 78 12.90 24.92 2.41
C GLY B 78 11.78 25.54 1.58
N GLY B 79 11.11 24.70 0.78
CA GLY B 79 10.03 25.19 -0.04
C GLY B 79 9.00 25.90 0.82
N PHE B 80 8.70 25.31 1.97
CA PHE B 80 7.74 25.89 2.89
C PHE B 80 8.24 27.26 3.39
N LEU B 81 9.54 27.30 3.72
CA LEU B 81 10.17 28.52 4.20
C LEU B 81 10.03 29.63 3.17
N ALA B 82 10.41 29.35 1.94
CA ALA B 82 10.33 30.32 0.88
C ALA B 82 8.90 30.81 0.59
N PHE B 83 7.95 29.89 0.60
CA PHE B 83 6.57 30.30 0.32
C PHE B 83 6.00 31.21 1.39
N THR B 84 6.06 30.79 2.63
CA THR B 84 5.52 31.56 3.73
C THR B 84 6.26 32.88 3.92
N SER B 85 7.51 32.95 3.48
CA SER B 85 8.27 34.18 3.61
C SER B 85 7.66 35.30 2.77
N LEU B 86 7.16 34.93 1.59
CA LEU B 86 6.56 35.89 0.67
C LEU B 86 5.08 36.12 0.90
N TRP B 87 4.36 35.04 1.13
CA TRP B 87 2.91 35.12 1.31
C TRP B 87 2.37 34.74 2.68
N GLY B 88 3.25 34.29 3.57
CA GLY B 88 2.82 33.90 4.90
C GLY B 88 1.92 32.67 4.86
N PHE B 89 1.17 32.42 5.93
CA PHE B 89 0.28 31.27 5.94
C PHE B 89 -1.00 31.56 5.19
N ASP B 90 -0.97 31.32 3.88
CA ASP B 90 -2.12 31.57 3.03
C ASP B 90 -2.43 30.40 2.10
N PRO B 91 -3.26 29.46 2.57
CA PRO B 91 -3.66 28.28 1.82
C PRO B 91 -4.23 28.61 0.45
N GLU B 92 -5.02 29.68 0.37
CA GLU B 92 -5.62 30.05 -0.89
C GLU B 92 -4.57 30.34 -1.95
N ILE B 93 -3.64 31.26 -1.69
CA ILE B 93 -2.60 31.54 -2.69
C ILE B 93 -1.65 30.35 -2.85
N ALA B 94 -1.65 29.43 -1.89
CA ALA B 94 -0.79 28.25 -1.97
C ALA B 94 -1.21 27.34 -3.15
N LYS B 95 -2.48 27.38 -3.53
CA LYS B 95 -2.99 26.58 -4.63
C LYS B 95 -2.67 27.16 -6.00
N THR B 96 -2.24 28.43 -6.04
CA THR B 96 -1.92 29.07 -7.30
C THR B 96 -0.42 29.08 -7.58
N LYS B 97 0.36 28.60 -6.62
CA LYS B 97 1.81 28.57 -6.77
C LYS B 97 2.41 27.18 -6.60
N ILE B 98 3.49 26.92 -7.34
CA ILE B 98 4.17 25.64 -7.20
C ILE B 98 5.66 25.88 -7.01
N VAL B 99 6.23 25.19 -6.03
CA VAL B 99 7.64 25.31 -5.75
C VAL B 99 8.33 24.00 -6.11
N TYR B 100 9.05 23.99 -7.22
CA TYR B 100 9.79 22.80 -7.62
C TYR B 100 11.29 23.11 -7.49
N PHE B 101 12.13 22.08 -7.40
CA PHE B 101 13.55 22.32 -7.24
C PHE B 101 14.40 22.16 -8.47
N MET B 102 15.22 23.17 -8.73
CA MET B 102 16.09 23.19 -9.90
C MET B 102 17.36 22.38 -9.71
N THR B 103 18.07 22.67 -8.62
CA THR B 103 19.32 22.01 -8.33
C THR B 103 19.43 21.63 -6.87
N ILE B 104 20.31 20.67 -6.61
CA ILE B 104 20.59 20.20 -5.25
C ILE B 104 22.08 20.00 -5.30
N ASP B 105 22.81 20.48 -4.29
CA ASP B 105 24.25 20.31 -4.33
C ASP B 105 24.88 20.19 -2.95
N LYS B 106 26.12 19.69 -2.91
CA LYS B 106 26.85 19.53 -1.66
C LYS B 106 26.10 18.64 -0.67
N VAL B 107 25.44 17.59 -1.16
CA VAL B 107 24.72 16.68 -0.28
C VAL B 107 25.75 15.79 0.38
N LYS B 108 25.53 15.47 1.65
CA LYS B 108 26.49 14.66 2.38
C LYS B 108 25.81 13.85 3.46
N PHE B 109 26.01 12.54 3.46
CA PHE B 109 25.38 11.70 4.47
C PHE B 109 26.43 11.26 5.47
N ARG B 110 26.16 11.51 6.75
CA ARG B 110 27.08 11.16 7.80
C ARG B 110 26.60 10.02 8.66
N ILE B 111 25.35 10.08 9.09
CA ILE B 111 24.81 9.05 9.95
C ILE B 111 23.49 8.54 9.37
N PRO B 112 23.21 7.24 9.53
CA PRO B 112 21.97 6.68 9.01
C PRO B 112 20.78 6.96 9.95
N VAL B 113 19.63 7.28 9.35
CA VAL B 113 18.41 7.57 10.10
C VAL B 113 17.59 6.28 10.19
N THR B 114 17.15 5.91 11.39
CA THR B 114 16.38 4.68 11.58
C THR B 114 15.09 4.92 12.34
N PRO B 115 14.20 3.92 12.39
CA PRO B 115 12.93 4.04 13.11
C PRO B 115 13.16 4.44 14.56
N GLY B 116 12.43 5.45 15.02
CA GLY B 116 12.58 5.90 16.39
C GLY B 116 13.28 7.24 16.45
N ASP B 117 13.89 7.63 15.34
CA ASP B 117 14.59 8.90 15.26
C ASP B 117 13.61 10.01 14.91
N ARG B 118 14.00 11.22 15.29
CA ARG B 118 13.21 12.42 15.01
C ARG B 118 14.07 13.21 14.03
N LEU B 119 13.79 13.07 12.73
CA LEU B 119 14.57 13.76 11.70
C LEU B 119 14.27 15.27 11.60
N GLU B 120 15.15 16.06 12.21
CA GLU B 120 15.01 17.53 12.26
C GLU B 120 15.67 18.24 11.07
N TYR B 121 14.92 19.14 10.44
CA TYR B 121 15.45 19.86 9.29
C TYR B 121 15.80 21.29 9.67
N HIS B 122 17.05 21.66 9.39
CA HIS B 122 17.54 23.00 9.66
C HIS B 122 17.97 23.61 8.33
N LEU B 123 17.14 24.48 7.78
CA LEU B 123 17.43 25.13 6.51
C LEU B 123 17.58 26.64 6.67
N GLU B 124 18.47 27.17 5.86
CA GLU B 124 18.77 28.60 5.85
C GLU B 124 18.49 29.16 4.47
N VAL B 125 18.23 30.46 4.41
CA VAL B 125 18.04 31.09 3.11
C VAL B 125 19.46 31.57 2.81
N LEU B 126 20.12 30.97 1.83
CA LEU B 126 21.46 31.42 1.50
C LEU B 126 21.32 32.66 0.62
N LYS B 127 20.54 32.55 -0.44
CA LYS B 127 20.33 33.67 -1.37
C LYS B 127 18.95 33.55 -1.99
N HIS B 128 18.40 34.69 -2.40
CA HIS B 128 17.10 34.68 -3.03
C HIS B 128 16.96 35.97 -3.83
N LYS B 129 16.45 35.83 -5.05
CA LYS B 129 16.22 36.94 -5.96
C LYS B 129 14.96 36.60 -6.73
N GLY B 130 13.90 37.37 -6.53
CA GLY B 130 12.65 37.06 -7.20
C GLY B 130 12.11 35.73 -6.70
N MET B 131 11.75 34.86 -7.64
CA MET B 131 11.19 33.56 -7.30
C MET B 131 12.24 32.46 -7.19
N ILE B 132 13.51 32.84 -7.30
CA ILE B 132 14.58 31.86 -7.19
C ILE B 132 15.16 31.95 -5.79
N TRP B 133 14.93 30.90 -5.02
CA TRP B 133 15.43 30.83 -3.65
C TRP B 133 16.41 29.69 -3.50
N GLN B 134 17.52 29.99 -2.84
CA GLN B 134 18.56 29.00 -2.60
C GLN B 134 18.72 28.82 -1.11
N VAL B 135 18.41 27.62 -0.64
CA VAL B 135 18.52 27.30 0.77
C VAL B 135 19.49 26.18 1.04
N GLY B 136 20.02 26.16 2.25
CA GLY B 136 20.96 25.13 2.63
C GLY B 136 20.90 24.91 4.11
N GLY B 137 21.44 23.79 4.57
CA GLY B 137 21.41 23.49 5.98
C GLY B 137 21.75 22.04 6.23
N THR B 138 21.16 21.47 7.28
CA THR B 138 21.44 20.09 7.63
C THR B 138 20.21 19.34 8.10
N ALA B 139 20.39 18.02 8.26
CA ALA B 139 19.36 17.15 8.78
C ALA B 139 19.96 16.71 10.12
N GLN B 140 19.18 16.76 11.20
CA GLN B 140 19.69 16.39 12.51
C GLN B 140 18.81 15.44 13.31
N VAL B 141 19.47 14.67 14.17
CA VAL B 141 18.82 13.71 15.06
C VAL B 141 19.58 13.80 16.37
N ASP B 142 18.86 14.03 17.46
CA ASP B 142 19.48 14.17 18.78
C ASP B 142 20.64 15.19 18.75
N GLY B 143 20.44 16.30 18.05
CA GLY B 143 21.47 17.32 17.97
C GLY B 143 22.73 17.03 17.16
N LYS B 144 22.72 15.94 16.41
CA LYS B 144 23.89 15.59 15.59
C LYS B 144 23.51 15.73 14.13
N VAL B 145 24.52 15.97 13.28
CA VAL B 145 24.23 16.12 11.87
C VAL B 145 24.24 14.77 11.18
N VAL B 146 23.11 14.37 10.62
CA VAL B 146 23.03 13.10 9.93
C VAL B 146 23.19 13.32 8.45
N ALA B 147 22.91 14.55 8.01
CA ALA B 147 23.02 14.90 6.61
C ALA B 147 23.10 16.41 6.42
N GLU B 148 23.53 16.82 5.24
CA GLU B 148 23.60 18.24 4.91
C GLU B 148 23.47 18.39 3.40
N ALA B 149 22.91 19.51 2.95
CA ALA B 149 22.70 19.74 1.54
C ALA B 149 22.34 21.17 1.22
N GLU B 150 22.42 21.50 -0.07
CA GLU B 150 22.06 22.81 -0.55
C GLU B 150 21.09 22.63 -1.70
N LEU B 151 20.07 23.47 -1.76
CA LEU B 151 19.08 23.37 -2.83
C LEU B 151 18.64 24.72 -3.39
N LYS B 152 18.37 24.74 -4.70
CA LYS B 152 17.89 25.94 -5.38
C LYS B 152 16.49 25.63 -5.89
N ALA B 153 15.55 26.47 -5.51
CA ALA B 153 14.17 26.27 -5.93
C ALA B 153 13.65 27.47 -6.67
N MET B 154 12.63 27.23 -7.49
CA MET B 154 11.98 28.31 -8.21
C MET B 154 10.50 28.25 -7.89
N ILE B 155 9.92 29.40 -7.58
CA ILE B 155 8.50 29.47 -7.26
C ILE B 155 7.78 29.94 -8.51
N ALA B 156 6.81 29.15 -8.95
CA ALA B 156 6.06 29.49 -10.15
C ALA B 156 4.54 29.45 -9.98
N GLU B 157 3.83 29.83 -11.04
CA GLU B 157 2.37 29.82 -11.04
C GLU B 157 1.90 28.39 -11.33
N ARG B 158 1.03 27.85 -10.47
CA ARG B 158 0.57 26.48 -10.66
C ARG B 158 -0.40 26.31 -11.84
N GLU B 159 -1.66 26.67 -11.60
CA GLU B 159 -2.69 26.53 -12.63
C GLU B 159 -2.30 27.13 -13.98
N GLN C 9 -8.85 -33.18 3.36
CA GLN C 9 -9.12 -33.76 2.00
C GLN C 9 -10.20 -32.98 1.27
N SER C 10 -11.11 -32.38 2.05
CA SER C 10 -12.21 -31.58 1.51
C SER C 10 -12.14 -30.09 1.88
N GLN C 11 -12.12 -29.81 3.19
CA GLN C 11 -12.08 -28.43 3.70
C GLN C 11 -10.70 -27.81 3.88
N PHE C 12 -10.27 -26.98 2.94
CA PHE C 12 -8.96 -26.35 3.08
C PHE C 12 -9.09 -24.88 3.47
N PHE C 13 -8.27 -24.46 4.44
CA PHE C 13 -8.28 -23.08 4.92
C PHE C 13 -7.10 -22.27 4.38
N ILE C 14 -7.15 -20.96 4.61
CA ILE C 14 -6.11 -20.05 4.13
C ILE C 14 -4.69 -20.56 4.42
N GLU C 15 -4.48 -21.20 5.57
CA GLU C 15 -3.16 -21.75 5.88
C GLU C 15 -2.76 -22.76 4.82
N HIS C 16 -3.71 -23.59 4.39
CA HIS C 16 -3.42 -24.60 3.38
C HIS C 16 -3.37 -24.00 1.98
N ILE C 17 -4.20 -23.00 1.71
CA ILE C 17 -4.19 -22.36 0.40
C ILE C 17 -2.82 -21.72 0.18
N LEU C 18 -2.24 -21.16 1.24
CA LEU C 18 -0.93 -20.52 1.16
C LEU C 18 0.19 -21.55 0.86
N GLN C 19 0.01 -22.78 1.29
CA GLN C 19 1.00 -23.81 1.06
C GLN C 19 0.95 -24.43 -0.35
N ILE C 20 -0.16 -24.24 -1.06
CA ILE C 20 -0.27 -24.82 -2.40
C ILE C 20 -0.16 -23.80 -3.54
N LEU C 21 -0.76 -22.63 -3.36
CA LEU C 21 -0.67 -21.58 -4.38
C LEU C 21 0.53 -20.69 -4.12
N PRO C 22 1.19 -20.22 -5.20
CA PRO C 22 2.37 -19.36 -5.06
C PRO C 22 1.92 -17.92 -4.80
N HIS C 23 0.70 -17.62 -5.23
CA HIS C 23 0.13 -16.29 -5.07
C HIS C 23 0.18 -15.76 -3.66
N ARG C 24 0.48 -14.48 -3.55
CA ARG C 24 0.55 -13.79 -2.28
C ARG C 24 -0.14 -12.44 -2.42
N TYR C 25 -0.27 -11.72 -1.32
CA TYR C 25 -0.91 -10.42 -1.35
C TYR C 25 -0.22 -9.50 -2.33
N PRO C 26 -0.99 -8.74 -3.12
CA PRO C 26 -2.45 -8.68 -3.14
C PRO C 26 -3.00 -9.42 -4.37
N MET C 27 -2.54 -10.64 -4.61
CA MET C 27 -2.99 -11.37 -5.77
C MET C 27 -3.50 -12.78 -5.46
N LEU C 28 -3.64 -13.08 -4.18
CA LEU C 28 -4.18 -14.36 -3.73
C LEU C 28 -5.67 -14.06 -3.50
N LEU C 29 -6.51 -14.53 -4.41
CA LEU C 29 -7.93 -14.24 -4.33
C LEU C 29 -8.85 -15.41 -3.97
N VAL C 30 -8.38 -16.26 -3.07
CA VAL C 30 -9.16 -17.41 -2.62
C VAL C 30 -8.89 -17.56 -1.11
N ASP C 31 -9.90 -17.25 -0.31
CA ASP C 31 -9.76 -17.34 1.14
C ASP C 31 -10.02 -18.71 1.74
N ARG C 32 -10.94 -19.46 1.15
CA ARG C 32 -11.24 -20.78 1.68
C ARG C 32 -11.83 -21.71 0.63
N ILE C 33 -11.71 -23.01 0.89
CA ILE C 33 -12.20 -24.04 -0.01
C ILE C 33 -13.18 -24.93 0.75
N THR C 34 -14.45 -24.80 0.39
CA THR C 34 -15.53 -25.53 1.03
C THR C 34 -15.63 -27.02 0.62
N GLU C 35 -15.05 -27.37 -0.52
CA GLU C 35 -15.05 -28.75 -0.99
C GLU C 35 -14.40 -28.95 -2.36
N LEU C 36 -13.71 -30.08 -2.52
CA LEU C 36 -13.08 -30.38 -3.79
C LEU C 36 -13.07 -31.87 -4.06
N GLN C 37 -13.44 -32.22 -5.28
CA GLN C 37 -13.48 -33.61 -5.73
C GLN C 37 -12.40 -33.76 -6.78
N ALA C 38 -11.36 -34.50 -6.46
CA ALA C 38 -10.25 -34.71 -7.38
C ALA C 38 -10.72 -35.02 -8.82
N ASN C 39 -10.10 -34.35 -9.79
CA ASN C 39 -10.41 -34.55 -11.20
C ASN C 39 -11.85 -34.20 -11.56
N GLN C 40 -12.64 -33.74 -10.59
CA GLN C 40 -14.05 -33.40 -10.84
C GLN C 40 -14.42 -31.92 -10.71
N LYS C 41 -14.40 -31.40 -9.47
CA LYS C 41 -14.80 -30.02 -9.26
C LYS C 41 -14.33 -29.41 -7.94
N ILE C 42 -14.50 -28.10 -7.83
CA ILE C 42 -14.11 -27.41 -6.62
C ILE C 42 -15.02 -26.25 -6.33
N VAL C 43 -15.30 -26.05 -5.05
CA VAL C 43 -16.12 -24.94 -4.61
C VAL C 43 -15.29 -24.25 -3.55
N ALA C 44 -15.03 -22.97 -3.74
CA ALA C 44 -14.26 -22.20 -2.80
C ALA C 44 -14.79 -20.78 -2.84
N TYR C 45 -14.20 -19.90 -2.03
CA TYR C 45 -14.67 -18.53 -2.03
C TYR C 45 -13.70 -17.52 -1.49
N LYS C 46 -13.97 -16.27 -1.84
CA LYS C 46 -13.18 -15.14 -1.40
C LYS C 46 -14.18 -14.13 -0.85
N ASN C 47 -13.91 -13.59 0.33
CA ASN C 47 -14.81 -12.59 0.87
C ASN C 47 -14.44 -11.31 0.17
N ILE C 48 -15.43 -10.44 0.00
CA ILE C 48 -15.18 -9.17 -0.65
C ILE C 48 -15.48 -8.11 0.39
N THR C 49 -14.42 -7.47 0.87
CA THR C 49 -14.55 -6.43 1.88
C THR C 49 -14.13 -5.11 1.26
N PHE C 50 -14.57 -4.00 1.86
CA PHE C 50 -14.22 -2.68 1.36
C PHE C 50 -12.76 -2.38 1.69
N ASN C 51 -12.24 -3.04 2.72
CA ASN C 51 -10.87 -2.82 3.16
C ASN C 51 -9.79 -3.44 2.26
N GLU C 52 -10.07 -3.49 0.96
CA GLU C 52 -9.11 -4.01 0.01
C GLU C 52 -8.61 -2.81 -0.79
N ASP C 53 -7.34 -2.82 -1.17
CA ASP C 53 -6.77 -1.70 -1.89
C ASP C 53 -7.42 -1.40 -3.24
N VAL C 54 -7.79 -2.44 -3.98
CA VAL C 54 -8.42 -2.26 -5.30
C VAL C 54 -9.61 -1.31 -5.30
N PHE C 55 -10.33 -1.24 -4.19
CA PHE C 55 -11.49 -0.37 -4.12
C PHE C 55 -11.12 1.11 -4.08
N ASN C 56 -9.84 1.38 -3.93
CA ASN C 56 -9.40 2.75 -3.91
C ASN C 56 -9.61 3.35 -5.28
N GLY C 57 -9.42 2.52 -6.31
CA GLY C 57 -9.58 3.03 -7.65
C GLY C 57 -10.57 2.32 -8.56
N HIS C 58 -11.39 1.43 -8.01
CA HIS C 58 -12.35 0.74 -8.85
C HIS C 58 -13.70 0.54 -8.18
N PHE C 59 -14.46 1.62 -8.03
CA PHE C 59 -14.06 2.95 -8.44
C PHE C 59 -14.32 3.88 -7.25
N PRO C 60 -13.75 5.09 -7.27
CA PRO C 60 -13.99 6.02 -6.15
C PRO C 60 -15.50 6.18 -5.93
N ASN C 61 -15.94 6.02 -4.67
CA ASN C 61 -17.36 6.16 -4.32
C ASN C 61 -18.32 5.10 -4.85
N LYS C 62 -17.79 4.09 -5.54
CA LYS C 62 -18.62 3.01 -6.02
C LYS C 62 -17.77 1.75 -6.10
N PRO C 63 -17.52 1.12 -4.94
CA PRO C 63 -16.70 -0.08 -4.94
C PRO C 63 -17.40 -1.20 -5.70
N ILE C 64 -16.67 -1.76 -6.65
CA ILE C 64 -17.12 -2.84 -7.48
C ILE C 64 -15.91 -3.71 -7.74
N PHE C 65 -15.93 -4.93 -7.22
CA PHE C 65 -14.83 -5.87 -7.40
C PHE C 65 -14.64 -6.06 -8.89
N PRO C 66 -13.41 -5.85 -9.38
CA PRO C 66 -13.06 -5.99 -10.80
C PRO C 66 -13.43 -7.34 -11.44
N GLY C 67 -14.21 -7.26 -12.51
CA GLY C 67 -14.63 -8.45 -13.24
C GLY C 67 -13.46 -9.38 -13.51
N VAL C 68 -12.36 -8.84 -14.02
CA VAL C 68 -11.18 -9.66 -14.32
C VAL C 68 -10.59 -10.36 -13.11
N LEU C 69 -10.78 -9.81 -11.92
CA LEU C 69 -10.23 -10.46 -10.74
C LEU C 69 -11.13 -11.61 -10.30
N ILE C 70 -12.38 -11.63 -10.78
CA ILE C 70 -13.29 -12.74 -10.47
C ILE C 70 -12.78 -13.93 -11.28
N VAL C 71 -12.45 -13.65 -12.55
CA VAL C 71 -11.91 -14.67 -13.44
C VAL C 71 -10.59 -15.19 -12.89
N GLU C 72 -9.79 -14.30 -12.31
CA GLU C 72 -8.50 -14.68 -11.74
C GLU C 72 -8.70 -15.60 -10.54
N GLY C 73 -9.68 -15.28 -9.69
CA GLY C 73 -9.96 -16.11 -8.53
C GLY C 73 -10.43 -17.46 -9.00
N MET C 74 -11.23 -17.45 -10.06
CA MET C 74 -11.74 -18.66 -10.65
C MET C 74 -10.59 -19.49 -11.18
N ALA C 75 -9.66 -18.83 -11.88
CA ALA C 75 -8.50 -19.52 -12.41
C ALA C 75 -7.71 -20.10 -11.24
N GLN C 76 -7.58 -19.30 -10.17
CA GLN C 76 -6.86 -19.75 -9.00
C GLN C 76 -7.49 -21.02 -8.46
N SER C 77 -8.81 -21.04 -8.39
CA SER C 77 -9.52 -22.20 -7.89
C SER C 77 -9.29 -23.44 -8.75
N GLY C 78 -9.37 -23.28 -10.06
CA GLY C 78 -9.14 -24.41 -10.94
C GLY C 78 -7.73 -24.92 -10.75
N GLY C 79 -6.79 -23.99 -10.62
CA GLY C 79 -5.41 -24.35 -10.43
C GLY C 79 -5.16 -25.15 -9.17
N PHE C 80 -5.84 -24.81 -8.09
CA PHE C 80 -5.67 -25.55 -6.85
C PHE C 80 -6.30 -26.92 -7.06
N LEU C 81 -7.36 -26.98 -7.86
CA LEU C 81 -8.03 -28.24 -8.15
C LEU C 81 -7.11 -29.16 -8.96
N ALA C 82 -6.60 -28.65 -10.08
CA ALA C 82 -5.73 -29.45 -10.92
C ALA C 82 -4.53 -29.99 -10.13
N PHE C 83 -3.85 -29.11 -9.40
CA PHE C 83 -2.71 -29.51 -8.61
C PHE C 83 -3.04 -30.59 -7.60
N THR C 84 -4.03 -30.31 -6.76
CA THR C 84 -4.46 -31.26 -5.74
C THR C 84 -4.91 -32.61 -6.33
N SER C 85 -5.40 -32.60 -7.58
CA SER C 85 -5.80 -33.86 -8.22
C SER C 85 -4.56 -34.71 -8.47
N LEU C 86 -3.52 -34.08 -9.03
CA LEU C 86 -2.26 -34.73 -9.35
C LEU C 86 -1.42 -35.25 -8.19
N TRP C 87 -1.23 -34.41 -7.17
CA TRP C 87 -0.40 -34.77 -6.00
C TRP C 87 -1.08 -34.60 -4.64
N GLY C 88 -2.31 -34.10 -4.63
CA GLY C 88 -3.01 -33.90 -3.37
C GLY C 88 -2.41 -32.73 -2.60
N PHE C 89 -2.73 -32.63 -1.31
CA PHE C 89 -2.19 -31.55 -0.52
C PHE C 89 -0.73 -31.86 -0.17
N ASP C 90 0.18 -31.33 -0.98
CA ASP C 90 1.62 -31.55 -0.83
C ASP C 90 2.37 -30.22 -1.03
N PRO C 91 2.70 -29.50 0.06
CA PRO C 91 3.41 -28.23 -0.08
C PRO C 91 4.79 -28.34 -0.73
N GLU C 92 5.51 -29.41 -0.40
CA GLU C 92 6.84 -29.61 -0.94
C GLU C 92 6.82 -29.72 -2.48
N ILE C 93 5.88 -30.49 -3.02
CA ILE C 93 5.77 -30.62 -4.47
C ILE C 93 5.23 -29.33 -5.09
N ALA C 94 4.33 -28.67 -4.37
CA ALA C 94 3.72 -27.44 -4.84
C ALA C 94 4.81 -26.40 -5.14
N LYS C 95 5.81 -26.33 -4.27
CA LYS C 95 6.91 -25.38 -4.43
C LYS C 95 7.66 -25.61 -5.74
N THR C 96 7.42 -26.74 -6.40
CA THR C 96 8.11 -27.08 -7.64
C THR C 96 7.30 -27.07 -8.94
N LYS C 97 6.05 -26.64 -8.88
CA LYS C 97 5.19 -26.61 -10.07
C LYS C 97 4.58 -25.24 -10.35
N ILE C 98 4.21 -25.00 -11.61
CA ILE C 98 3.56 -23.75 -11.99
C ILE C 98 2.42 -24.09 -12.91
N VAL C 99 1.39 -23.25 -12.87
CA VAL C 99 0.22 -23.44 -13.71
C VAL C 99 0.00 -22.25 -14.64
N TYR C 100 0.64 -22.27 -15.80
CA TYR C 100 0.48 -21.18 -16.76
C TYR C 100 -0.97 -21.24 -17.24
N PHE C 101 -1.64 -20.10 -17.27
CA PHE C 101 -3.01 -20.07 -17.76
C PHE C 101 -2.95 -19.58 -19.18
N MET C 102 -3.24 -20.49 -20.10
CA MET C 102 -3.17 -20.22 -21.52
C MET C 102 -4.31 -19.44 -22.15
N THR C 103 -5.54 -19.82 -21.84
CA THR C 103 -6.67 -19.15 -22.43
C THR C 103 -7.83 -18.96 -21.48
N ILE C 104 -8.72 -18.05 -21.86
CA ILE C 104 -9.93 -17.78 -21.11
C ILE C 104 -10.98 -17.51 -22.18
N ASP C 105 -12.14 -18.15 -22.07
CA ASP C 105 -13.20 -17.96 -23.04
C ASP C 105 -14.55 -17.93 -22.41
N LYS C 106 -15.51 -17.44 -23.19
CA LYS C 106 -16.90 -17.39 -22.78
C LYS C 106 -17.19 -16.80 -21.40
N VAL C 107 -16.39 -15.83 -20.98
CA VAL C 107 -16.66 -15.22 -19.70
C VAL C 107 -17.77 -14.18 -19.88
N LYS C 108 -18.75 -14.24 -18.99
CA LYS C 108 -19.87 -13.33 -19.06
C LYS C 108 -20.15 -12.79 -17.66
N PHE C 109 -20.41 -11.49 -17.55
CA PHE C 109 -20.70 -10.88 -16.25
C PHE C 109 -22.15 -10.44 -16.16
N ARG C 110 -22.87 -11.00 -15.17
CA ARG C 110 -24.28 -10.70 -14.99
C ARG C 110 -24.58 -9.71 -13.86
N ILE C 111 -23.97 -9.91 -12.71
CA ILE C 111 -24.22 -9.06 -11.55
C ILE C 111 -22.94 -8.53 -10.90
N PRO C 112 -22.86 -7.20 -10.67
CA PRO C 112 -21.66 -6.64 -10.06
C PRO C 112 -21.45 -7.20 -8.66
N VAL C 113 -20.18 -7.39 -8.28
CA VAL C 113 -19.81 -7.92 -6.97
C VAL C 113 -19.35 -6.76 -6.09
N THR C 114 -19.85 -6.67 -4.86
CA THR C 114 -19.50 -5.55 -4.00
C THR C 114 -19.09 -5.89 -2.56
N PRO C 115 -18.47 -4.92 -1.86
CA PRO C 115 -18.05 -5.16 -0.49
C PRO C 115 -19.21 -5.79 0.30
N GLY C 116 -18.96 -6.93 0.91
CA GLY C 116 -20.01 -7.58 1.68
C GLY C 116 -20.49 -8.85 0.99
N ASP C 117 -20.02 -9.08 -0.22
CA ASP C 117 -20.40 -10.29 -0.97
C ASP C 117 -19.45 -11.45 -0.70
N ARG C 118 -20.01 -12.65 -0.66
CA ARG C 118 -19.22 -13.85 -0.46
C ARG C 118 -19.13 -14.43 -1.87
N LEU C 119 -18.03 -14.14 -2.56
CA LEU C 119 -17.83 -14.62 -3.92
C LEU C 119 -17.41 -16.09 -3.93
N GLU C 120 -18.31 -16.94 -4.39
CA GLU C 120 -18.09 -18.39 -4.43
C GLU C 120 -17.68 -18.86 -5.81
N TYR C 121 -16.58 -19.60 -5.87
CA TYR C 121 -16.09 -20.13 -7.12
C TYR C 121 -16.57 -21.56 -7.31
N HIS C 122 -17.14 -21.83 -8.49
CA HIS C 122 -17.64 -23.16 -8.84
C HIS C 122 -16.96 -23.57 -10.13
N LEU C 123 -15.93 -24.40 -10.00
CA LEU C 123 -15.19 -24.87 -11.15
C LEU C 123 -15.20 -26.39 -11.28
N GLU C 124 -15.37 -26.86 -12.52
CA GLU C 124 -15.37 -28.29 -12.82
C GLU C 124 -14.37 -28.55 -13.94
N VAL C 125 -13.77 -29.75 -13.92
CA VAL C 125 -12.80 -30.16 -14.95
C VAL C 125 -13.55 -30.48 -16.21
N LEU C 126 -13.24 -29.76 -17.28
CA LEU C 126 -13.91 -29.98 -18.56
C LEU C 126 -13.13 -30.92 -19.46
N LYS C 127 -11.81 -30.89 -19.34
CA LYS C 127 -10.97 -31.72 -20.18
C LYS C 127 -9.57 -31.80 -19.59
N HIS C 128 -9.09 -33.02 -19.34
CA HIS C 128 -7.75 -33.19 -18.81
C HIS C 128 -6.94 -34.06 -19.77
N LYS C 129 -6.19 -33.38 -20.63
CA LYS C 129 -5.37 -34.07 -21.60
C LYS C 129 -3.89 -33.77 -21.41
N GLY C 130 -3.21 -34.64 -20.67
CA GLY C 130 -1.79 -34.46 -20.43
C GLY C 130 -1.46 -33.42 -19.35
N MET C 131 -0.71 -32.40 -19.74
CA MET C 131 -0.32 -31.32 -18.84
C MET C 131 -1.33 -30.20 -18.96
N ILE C 132 -2.31 -30.39 -19.84
CA ILE C 132 -3.34 -29.40 -20.08
C ILE C 132 -4.67 -29.69 -19.39
N TRP C 133 -5.05 -28.80 -18.49
CA TRP C 133 -6.32 -28.94 -17.79
C TRP C 133 -7.23 -27.84 -18.30
N GLN C 134 -8.50 -28.15 -18.47
CA GLN C 134 -9.45 -27.15 -18.94
C GLN C 134 -10.62 -27.16 -17.97
N VAL C 135 -10.83 -26.05 -17.29
CA VAL C 135 -11.91 -25.94 -16.32
C VAL C 135 -12.93 -24.88 -16.70
N GLY C 136 -14.09 -24.93 -16.07
CA GLY C 136 -15.12 -23.97 -16.36
C GLY C 136 -16.11 -23.93 -15.22
N GLY C 137 -16.89 -22.86 -15.15
CA GLY C 137 -17.86 -22.76 -14.09
C GLY C 137 -18.40 -21.37 -13.92
N THR C 138 -18.84 -21.09 -12.71
CA THR C 138 -19.41 -19.79 -12.39
C THR C 138 -18.93 -19.27 -11.04
N ALA C 139 -19.13 -17.98 -10.84
CA ALA C 139 -18.82 -17.34 -9.58
C ALA C 139 -20.22 -17.00 -9.13
N GLN C 140 -20.52 -17.30 -7.87
CA GLN C 140 -21.85 -17.05 -7.33
C GLN C 140 -21.83 -16.21 -6.06
N VAL C 141 -22.92 -15.49 -5.83
CA VAL C 141 -23.09 -14.69 -4.64
C VAL C 141 -24.53 -14.89 -4.20
N ASP C 142 -24.71 -15.47 -3.03
CA ASP C 142 -26.05 -15.72 -2.48
C ASP C 142 -26.88 -16.62 -3.39
N GLY C 143 -26.28 -17.70 -3.87
CA GLY C 143 -27.00 -18.61 -4.73
C GLY C 143 -27.12 -18.22 -6.18
N LYS C 144 -27.00 -16.92 -6.50
CA LYS C 144 -27.12 -16.48 -7.89
C LYS C 144 -25.76 -16.50 -8.61
N VAL C 145 -25.80 -16.63 -9.93
CA VAL C 145 -24.61 -16.63 -10.78
C VAL C 145 -24.26 -15.19 -11.12
N VAL C 146 -23.10 -14.72 -10.70
CA VAL C 146 -22.71 -13.35 -11.00
C VAL C 146 -21.74 -13.29 -12.17
N ALA C 147 -21.16 -14.44 -12.50
CA ALA C 147 -20.21 -14.51 -13.61
C ALA C 147 -19.97 -15.94 -14.07
N GLU C 148 -19.54 -16.09 -15.32
CA GLU C 148 -19.24 -17.38 -15.92
C GLU C 148 -17.90 -17.30 -16.61
N ALA C 149 -17.23 -18.44 -16.76
CA ALA C 149 -15.95 -18.46 -17.44
C ALA C 149 -15.44 -19.87 -17.73
N GLU C 150 -14.64 -19.95 -18.78
CA GLU C 150 -14.03 -21.20 -19.22
C GLU C 150 -12.53 -20.90 -19.16
N LEU C 151 -11.72 -21.86 -18.73
CA LEU C 151 -10.28 -21.63 -18.62
C LEU C 151 -9.42 -22.84 -18.93
N LYS C 152 -8.24 -22.59 -19.48
CA LYS C 152 -7.31 -23.66 -19.80
C LYS C 152 -5.92 -23.28 -19.31
N ALA C 153 -5.34 -24.17 -18.51
CA ALA C 153 -4.02 -23.98 -17.95
C ALA C 153 -3.13 -25.14 -18.35
N MET C 154 -1.87 -25.03 -17.97
CA MET C 154 -0.89 -26.07 -18.25
C MET C 154 -0.04 -26.27 -17.01
N ILE C 155 0.16 -27.53 -16.63
CA ILE C 155 0.99 -27.85 -15.47
C ILE C 155 2.41 -27.93 -16.01
N ALA C 156 3.33 -27.23 -15.35
CA ALA C 156 4.72 -27.24 -15.77
C ALA C 156 5.63 -27.28 -14.56
N GLU C 157 6.91 -27.55 -14.78
CA GLU C 157 7.86 -27.60 -13.67
C GLU C 157 8.32 -26.18 -13.40
N ARG C 158 8.38 -25.79 -12.12
CA ARG C 158 8.80 -24.43 -11.79
C ARG C 158 10.22 -24.14 -12.22
N GLU C 159 10.54 -22.86 -12.24
CA GLU C 159 11.85 -22.36 -12.62
C GLU C 159 11.90 -20.90 -12.16
N GLN D 9 -8.49 14.47 -30.82
CA GLN D 9 -7.03 14.34 -31.09
C GLN D 9 -6.65 12.89 -31.43
N SER D 10 -5.38 12.57 -31.17
CA SER D 10 -4.85 11.22 -31.41
C SER D 10 -3.80 10.81 -30.33
N GLN D 11 -3.27 11.79 -29.59
CA GLN D 11 -2.31 11.50 -28.52
C GLN D 11 -2.82 12.08 -27.20
N PHE D 12 -2.88 11.24 -26.17
CA PHE D 12 -3.36 11.68 -24.87
C PHE D 12 -2.42 11.17 -23.80
N PHE D 13 -2.23 11.98 -22.78
CA PHE D 13 -1.35 11.64 -21.70
C PHE D 13 -2.14 11.30 -20.45
N ILE D 14 -1.43 10.90 -19.41
CA ILE D 14 -2.09 10.51 -18.17
C ILE D 14 -3.02 11.61 -17.68
N GLU D 15 -2.61 12.85 -17.94
CA GLU D 15 -3.38 14.01 -17.52
C GLU D 15 -4.78 13.97 -18.13
N HIS D 16 -4.85 13.53 -19.39
CA HIS D 16 -6.12 13.44 -20.08
C HIS D 16 -6.87 12.18 -19.67
N ILE D 17 -6.18 11.05 -19.63
CA ILE D 17 -6.82 9.80 -19.26
C ILE D 17 -7.55 9.96 -17.93
N LEU D 18 -6.92 10.65 -16.97
CA LEU D 18 -7.52 10.87 -15.64
C LEU D 18 -8.89 11.55 -15.73
N GLN D 19 -9.04 12.45 -16.70
CA GLN D 19 -10.27 13.18 -16.90
C GLN D 19 -11.34 12.41 -17.68
N ILE D 20 -10.98 11.26 -18.24
CA ILE D 20 -11.92 10.46 -19.00
C ILE D 20 -12.27 9.13 -18.33
N LEU D 21 -11.27 8.32 -17.99
CA LEU D 21 -11.55 7.05 -17.34
C LEU D 21 -11.86 7.28 -15.87
N PRO D 22 -12.80 6.51 -15.32
CA PRO D 22 -13.17 6.65 -13.91
C PRO D 22 -12.18 5.95 -12.99
N HIS D 23 -11.38 5.05 -13.57
CA HIS D 23 -10.41 4.29 -12.81
C HIS D 23 -9.37 5.15 -12.13
N ARG D 24 -8.82 4.64 -11.03
CA ARG D 24 -7.78 5.28 -10.24
C ARG D 24 -6.92 4.21 -9.59
N TYR D 25 -5.77 4.60 -9.05
CA TYR D 25 -4.85 3.66 -8.41
C TYR D 25 -5.55 2.72 -7.42
N PRO D 26 -5.22 1.42 -7.45
CA PRO D 26 -4.27 0.76 -8.33
C PRO D 26 -4.98 0.02 -9.46
N MET D 27 -5.93 0.70 -10.12
CA MET D 27 -6.66 0.05 -11.19
C MET D 27 -6.78 0.83 -12.49
N LEU D 28 -5.99 1.88 -12.65
CA LEU D 28 -5.97 2.65 -13.89
C LEU D 28 -4.75 2.04 -14.57
N LEU D 29 -4.99 1.22 -15.58
CA LEU D 29 -3.90 0.53 -16.24
C LEU D 29 -3.60 0.96 -17.66
N VAL D 30 -3.73 2.26 -17.89
CA VAL D 30 -3.43 2.83 -19.20
C VAL D 30 -2.67 4.12 -18.90
N ASP D 31 -1.42 4.21 -19.37
CA ASP D 31 -0.59 5.37 -19.12
C ASP D 31 -0.62 6.44 -20.21
N ARG D 32 -0.81 6.03 -21.46
CA ARG D 32 -0.77 6.96 -22.58
C ARG D 32 -1.46 6.46 -23.84
N ILE D 33 -2.13 7.36 -24.55
CA ILE D 33 -2.82 7.02 -25.80
C ILE D 33 -1.96 7.54 -26.95
N THR D 34 -1.47 6.62 -27.79
CA THR D 34 -0.63 6.98 -28.93
C THR D 34 -1.39 7.26 -30.23
N GLU D 35 -2.36 6.41 -30.55
CA GLU D 35 -3.16 6.62 -31.76
C GLU D 35 -4.63 6.39 -31.43
N LEU D 36 -5.50 7.23 -31.99
CA LEU D 36 -6.93 7.06 -31.73
C LEU D 36 -7.80 7.49 -32.91
N GLN D 37 -8.60 6.56 -33.41
CA GLN D 37 -9.51 6.80 -34.54
C GLN D 37 -10.93 6.60 -34.08
N ALA D 38 -11.68 7.69 -33.99
CA ALA D 38 -13.08 7.61 -33.56
C ALA D 38 -13.83 6.43 -34.15
N ASN D 39 -14.50 5.70 -33.28
CA ASN D 39 -15.33 4.53 -33.63
C ASN D 39 -14.60 3.45 -34.40
N GLN D 40 -13.28 3.54 -34.50
CA GLN D 40 -12.54 2.53 -35.24
C GLN D 40 -11.49 1.82 -34.42
N LYS D 41 -10.49 2.54 -33.94
CA LYS D 41 -9.45 1.87 -33.18
C LYS D 41 -8.62 2.78 -32.29
N ILE D 42 -7.74 2.15 -31.52
CA ILE D 42 -6.88 2.89 -30.63
C ILE D 42 -5.66 2.10 -30.22
N VAL D 43 -4.54 2.81 -30.07
CA VAL D 43 -3.29 2.21 -29.62
C VAL D 43 -2.88 3.00 -28.38
N ALA D 44 -2.66 2.29 -27.28
CA ALA D 44 -2.24 2.92 -26.04
C ALA D 44 -1.28 1.96 -25.36
N TYR D 45 -0.81 2.29 -24.18
CA TYR D 45 0.09 1.40 -23.46
C TYR D 45 0.21 1.75 -22.01
N LYS D 46 0.71 0.79 -21.25
CA LYS D 46 0.97 0.96 -19.83
C LYS D 46 2.39 0.45 -19.61
N ASN D 47 3.23 1.28 -19.00
CA ASN D 47 4.59 0.84 -18.74
C ASN D 47 4.56 -0.12 -17.58
N ILE D 48 5.39 -1.16 -17.64
CA ILE D 48 5.45 -2.14 -16.55
C ILE D 48 6.73 -1.94 -15.75
N THR D 49 6.58 -1.74 -14.45
CA THR D 49 7.73 -1.53 -13.61
C THR D 49 7.62 -2.40 -12.37
N PHE D 50 8.76 -2.72 -11.78
CA PHE D 50 8.80 -3.55 -10.59
C PHE D 50 8.19 -2.79 -9.43
N ASN D 51 8.13 -1.46 -9.54
CA ASN D 51 7.60 -0.64 -8.48
C ASN D 51 6.09 -0.55 -8.41
N GLU D 52 5.43 -1.66 -8.67
CA GLU D 52 3.97 -1.74 -8.61
C GLU D 52 3.62 -2.76 -7.53
N ASP D 53 2.66 -2.41 -6.69
CA ASP D 53 2.26 -3.29 -5.58
C ASP D 53 1.90 -4.71 -6.00
N VAL D 54 1.27 -4.86 -7.16
CA VAL D 54 0.87 -6.16 -7.67
C VAL D 54 2.00 -7.19 -7.62
N PHE D 55 3.21 -6.76 -7.95
CA PHE D 55 4.33 -7.69 -7.96
C PHE D 55 4.75 -8.25 -6.63
N ASN D 56 4.25 -7.70 -5.53
CA ASN D 56 4.62 -8.25 -4.24
C ASN D 56 4.12 -9.68 -4.16
N GLY D 57 3.02 -9.98 -4.83
CA GLY D 57 2.47 -11.33 -4.76
C GLY D 57 2.18 -12.05 -6.06
N HIS D 58 2.76 -11.61 -7.16
CA HIS D 58 2.51 -12.28 -8.42
C HIS D 58 3.74 -12.23 -9.30
N PHE D 59 4.81 -12.94 -8.94
CA PHE D 59 4.94 -13.61 -7.65
C PHE D 59 6.28 -13.28 -7.02
N PRO D 60 6.44 -13.69 -5.76
CA PRO D 60 7.68 -13.46 -5.04
C PRO D 60 8.88 -14.05 -5.75
N ASN D 61 9.92 -13.23 -5.94
CA ASN D 61 11.14 -13.64 -6.61
C ASN D 61 10.96 -13.87 -8.10
N LYS D 62 9.77 -13.60 -8.60
CA LYS D 62 9.43 -13.87 -9.98
C LYS D 62 8.29 -12.99 -10.47
N PRO D 63 8.58 -11.73 -10.70
CA PRO D 63 7.54 -10.77 -11.11
C PRO D 63 6.98 -11.02 -12.52
N ILE D 64 5.66 -11.16 -12.59
CA ILE D 64 4.95 -11.40 -13.84
C ILE D 64 3.62 -10.67 -13.80
N PHE D 65 3.41 -9.76 -14.76
CA PHE D 65 2.17 -8.99 -14.80
C PHE D 65 1.00 -9.95 -15.03
N PRO D 66 -0.02 -9.88 -14.17
CA PRO D 66 -1.18 -10.77 -14.30
C PRO D 66 -1.88 -10.67 -15.66
N GLY D 67 -2.15 -11.82 -16.26
CA GLY D 67 -2.82 -11.87 -17.55
C GLY D 67 -4.17 -11.15 -17.52
N VAL D 68 -4.94 -11.37 -16.47
CA VAL D 68 -6.24 -10.72 -16.33
C VAL D 68 -6.13 -9.19 -16.32
N LEU D 69 -5.03 -8.68 -15.79
CA LEU D 69 -4.85 -7.23 -15.76
C LEU D 69 -4.53 -6.70 -17.16
N ILE D 70 -3.89 -7.52 -17.99
CA ILE D 70 -3.59 -7.12 -19.37
C ILE D 70 -4.93 -6.94 -20.10
N VAL D 71 -5.90 -7.80 -19.76
CA VAL D 71 -7.20 -7.70 -20.41
C VAL D 71 -7.84 -6.42 -19.92
N GLU D 72 -7.72 -6.18 -18.62
CA GLU D 72 -8.28 -4.99 -17.99
C GLU D 72 -7.73 -3.76 -18.69
N GLY D 73 -6.43 -3.76 -18.96
CA GLY D 73 -5.82 -2.63 -19.64
C GLY D 73 -6.38 -2.46 -21.05
N MET D 74 -6.66 -3.58 -21.71
CA MET D 74 -7.21 -3.56 -23.06
C MET D 74 -8.61 -3.00 -23.01
N ALA D 75 -9.36 -3.38 -21.99
CA ALA D 75 -10.73 -2.90 -21.84
C ALA D 75 -10.76 -1.39 -21.58
N GLN D 76 -9.87 -0.94 -20.68
CA GLN D 76 -9.78 0.48 -20.33
C GLN D 76 -9.47 1.29 -21.58
N SER D 77 -8.61 0.74 -22.43
CA SER D 77 -8.27 1.40 -23.68
C SER D 77 -9.54 1.45 -24.52
N GLY D 78 -10.22 0.33 -24.62
CA GLY D 78 -11.44 0.28 -25.39
C GLY D 78 -12.41 1.34 -24.90
N GLY D 79 -12.57 1.41 -23.58
CA GLY D 79 -13.46 2.41 -23.00
C GLY D 79 -13.08 3.84 -23.30
N PHE D 80 -11.78 4.13 -23.32
CA PHE D 80 -11.38 5.50 -23.61
C PHE D 80 -11.77 5.86 -25.03
N LEU D 81 -11.75 4.85 -25.90
CA LEU D 81 -12.10 5.05 -27.29
C LEU D 81 -13.61 5.16 -27.39
N ALA D 82 -14.28 4.17 -26.80
CA ALA D 82 -15.73 4.14 -26.81
C ALA D 82 -16.29 5.48 -26.39
N PHE D 83 -15.74 6.05 -25.33
CA PHE D 83 -16.20 7.32 -24.80
C PHE D 83 -15.89 8.54 -25.68
N THR D 84 -14.62 8.74 -26.02
CA THR D 84 -14.24 9.87 -26.86
C THR D 84 -14.97 9.85 -28.20
N SER D 85 -15.27 8.65 -28.68
CA SER D 85 -15.98 8.50 -29.95
C SER D 85 -17.36 9.13 -29.90
N LEU D 86 -17.98 9.08 -28.74
CA LEU D 86 -19.33 9.62 -28.58
C LEU D 86 -19.44 11.02 -27.95
N TRP D 87 -18.47 11.43 -27.15
CA TRP D 87 -18.51 12.75 -26.52
C TRP D 87 -17.22 13.55 -26.65
N GLY D 88 -16.24 13.02 -27.38
CA GLY D 88 -14.99 13.72 -27.51
C GLY D 88 -14.36 13.88 -26.13
N PHE D 89 -13.38 14.77 -26.00
CA PHE D 89 -12.74 14.94 -24.70
C PHE D 89 -13.62 15.84 -23.84
N ASP D 90 -14.54 15.23 -23.11
CA ASP D 90 -15.48 15.95 -22.25
C ASP D 90 -15.35 15.51 -20.79
N PRO D 91 -14.43 16.14 -20.04
CA PRO D 91 -14.23 15.78 -18.63
C PRO D 91 -15.50 15.86 -17.81
N GLU D 92 -16.36 16.84 -18.10
CA GLU D 92 -17.60 16.97 -17.36
C GLU D 92 -18.54 15.80 -17.55
N ILE D 93 -18.82 15.44 -18.80
CA ILE D 93 -19.73 14.33 -19.05
C ILE D 93 -19.10 13.03 -18.59
N ALA D 94 -17.81 12.90 -18.89
CA ALA D 94 -17.06 11.71 -18.55
C ALA D 94 -17.27 11.33 -17.10
N LYS D 95 -17.23 12.30 -16.20
CA LYS D 95 -17.40 11.97 -14.79
C LYS D 95 -18.83 11.61 -14.39
N THR D 96 -19.74 11.52 -15.36
CA THR D 96 -21.13 11.15 -15.06
C THR D 96 -21.36 9.77 -15.66
N LYS D 97 -20.29 8.97 -15.72
CA LYS D 97 -20.36 7.61 -16.26
C LYS D 97 -19.31 6.71 -15.64
N ILE D 98 -19.42 5.41 -15.93
CA ILE D 98 -18.45 4.38 -15.54
C ILE D 98 -18.64 3.25 -16.55
N VAL D 99 -17.55 2.58 -16.87
CA VAL D 99 -17.59 1.51 -17.85
C VAL D 99 -17.45 0.17 -17.15
N TYR D 100 -18.26 -0.80 -17.53
CA TYR D 100 -18.16 -2.11 -16.91
C TYR D 100 -18.21 -3.28 -17.89
N PHE D 101 -17.35 -4.26 -17.61
CA PHE D 101 -17.20 -5.47 -18.39
C PHE D 101 -18.50 -6.27 -18.53
N MET D 102 -18.85 -6.62 -19.77
CA MET D 102 -20.04 -7.42 -20.01
C MET D 102 -19.63 -8.86 -20.36
N THR D 103 -18.64 -9.01 -21.23
CA THR D 103 -18.15 -10.32 -21.63
C THR D 103 -16.70 -10.24 -22.10
N ILE D 104 -15.98 -11.34 -21.96
CA ILE D 104 -14.59 -11.42 -22.42
C ILE D 104 -14.57 -12.72 -23.20
N ASP D 105 -13.84 -12.75 -24.31
CA ASP D 105 -13.79 -13.95 -25.13
C ASP D 105 -12.49 -14.13 -25.90
N LYS D 106 -12.22 -15.38 -26.28
CA LYS D 106 -11.03 -15.72 -27.05
C LYS D 106 -9.74 -15.11 -26.56
N VAL D 107 -9.52 -15.07 -25.24
CA VAL D 107 -8.28 -14.49 -24.77
C VAL D 107 -7.17 -15.56 -24.73
N LYS D 108 -5.99 -15.17 -25.17
CA LYS D 108 -4.84 -16.05 -25.20
C LYS D 108 -3.64 -15.33 -24.59
N PHE D 109 -2.84 -16.07 -23.83
CA PHE D 109 -1.64 -15.51 -23.21
C PHE D 109 -0.44 -16.24 -23.79
N ARG D 110 0.18 -15.64 -24.81
CA ARG D 110 1.33 -16.25 -25.47
C ARG D 110 2.67 -15.98 -24.78
N ILE D 111 2.87 -14.73 -24.36
CA ILE D 111 4.15 -14.35 -23.73
C ILE D 111 4.02 -13.61 -22.40
N PRO D 112 4.69 -14.11 -21.35
CA PRO D 112 4.62 -13.44 -20.04
C PRO D 112 5.17 -12.01 -20.11
N VAL D 113 4.51 -11.09 -19.41
CA VAL D 113 4.91 -9.69 -19.38
C VAL D 113 5.66 -9.41 -18.08
N THR D 114 6.77 -8.69 -18.16
CA THR D 114 7.57 -8.44 -16.97
C THR D 114 8.10 -7.04 -16.83
N PRO D 115 8.50 -6.66 -15.61
CA PRO D 115 9.04 -5.32 -15.34
C PRO D 115 10.04 -4.91 -16.43
N GLY D 116 9.87 -3.72 -16.98
CA GLY D 116 10.75 -3.27 -18.03
C GLY D 116 10.04 -3.32 -19.38
N ASP D 117 8.88 -3.98 -19.41
CA ASP D 117 8.09 -4.09 -20.63
C ASP D 117 7.19 -2.88 -20.86
N ARG D 118 6.97 -2.58 -22.13
CA ARG D 118 6.09 -1.50 -22.53
C ARG D 118 4.90 -2.25 -23.13
N LEU D 119 3.89 -2.53 -22.29
CA LEU D 119 2.68 -3.25 -22.71
C LEU D 119 1.79 -2.36 -23.57
N GLU D 120 1.85 -2.61 -24.88
CA GLU D 120 1.08 -1.83 -25.84
C GLU D 120 -0.29 -2.45 -26.13
N TYR D 121 -1.33 -1.64 -26.06
CA TYR D 121 -2.69 -2.10 -26.29
C TYR D 121 -3.17 -1.74 -27.69
N HIS D 122 -3.61 -2.76 -28.43
CA HIS D 122 -4.12 -2.56 -29.79
C HIS D 122 -5.58 -3.04 -29.85
N LEU D 123 -6.51 -2.11 -29.92
CA LEU D 123 -7.93 -2.46 -29.97
C LEU D 123 -8.67 -1.81 -31.15
N GLU D 124 -9.58 -2.56 -31.73
CA GLU D 124 -10.39 -2.07 -32.83
C GLU D 124 -11.83 -2.39 -32.44
N VAL D 125 -12.79 -1.56 -32.86
CA VAL D 125 -14.17 -1.83 -32.52
C VAL D 125 -14.72 -2.89 -33.48
N LEU D 126 -15.22 -3.99 -32.91
CA LEU D 126 -15.78 -5.07 -33.70
C LEU D 126 -17.22 -4.74 -34.03
N LYS D 127 -17.89 -4.07 -33.09
CA LYS D 127 -19.27 -3.66 -33.21
C LYS D 127 -19.55 -2.71 -32.06
N HIS D 128 -20.44 -1.75 -32.27
CA HIS D 128 -20.78 -0.80 -31.21
C HIS D 128 -22.15 -0.17 -31.49
N LYS D 129 -22.91 0.10 -30.43
CA LYS D 129 -24.22 0.72 -30.53
C LYS D 129 -24.59 1.30 -29.16
N GLY D 130 -24.88 2.59 -29.13
CA GLY D 130 -25.21 3.23 -27.88
C GLY D 130 -24.06 3.08 -26.91
N MET D 131 -24.36 2.68 -25.68
CA MET D 131 -23.31 2.51 -24.67
C MET D 131 -22.61 1.15 -24.77
N ILE D 132 -23.14 0.26 -25.62
CA ILE D 132 -22.57 -1.09 -25.79
C ILE D 132 -21.47 -1.16 -26.84
N TRP D 133 -20.23 -1.34 -26.39
CA TRP D 133 -19.11 -1.45 -27.32
C TRP D 133 -18.39 -2.79 -27.31
N GLN D 134 -18.19 -3.35 -28.49
CA GLN D 134 -17.48 -4.61 -28.61
C GLN D 134 -16.15 -4.36 -29.29
N VAL D 135 -15.07 -4.67 -28.59
CA VAL D 135 -13.72 -4.46 -29.11
C VAL D 135 -12.90 -5.74 -29.03
N GLY D 136 -11.83 -5.78 -29.82
CA GLY D 136 -10.97 -6.94 -29.82
C GLY D 136 -9.61 -6.56 -30.33
N GLY D 137 -8.59 -7.28 -29.90
CA GLY D 137 -7.26 -6.97 -30.37
C GLY D 137 -6.17 -7.76 -29.68
N THR D 138 -5.02 -7.12 -29.55
CA THR D 138 -3.88 -7.74 -28.91
C THR D 138 -3.19 -6.82 -27.91
N ALA D 139 -2.24 -7.41 -27.19
CA ALA D 139 -1.40 -6.72 -26.22
C ALA D 139 -0.03 -7.04 -26.80
N GLN D 140 0.80 -6.02 -26.97
CA GLN D 140 2.11 -6.22 -27.56
C GLN D 140 3.28 -5.64 -26.77
N VAL D 141 4.43 -6.28 -26.93
CA VAL D 141 5.67 -5.85 -26.30
C VAL D 141 6.75 -5.95 -27.35
N ASP D 142 7.35 -4.80 -27.67
CA ASP D 142 8.39 -4.71 -28.69
C ASP D 142 8.04 -5.51 -29.94
N GLY D 143 6.92 -5.16 -30.57
CA GLY D 143 6.54 -5.86 -31.78
C GLY D 143 5.77 -7.17 -31.66
N LYS D 144 6.23 -8.08 -30.79
CA LYS D 144 5.57 -9.38 -30.61
C LYS D 144 4.26 -9.30 -29.82
N VAL D 145 3.35 -10.22 -30.14
CA VAL D 145 2.05 -10.30 -29.48
C VAL D 145 2.17 -11.18 -28.22
N VAL D 146 1.79 -10.62 -27.08
CA VAL D 146 1.87 -11.37 -25.83
C VAL D 146 0.49 -11.82 -25.38
N ALA D 147 -0.55 -11.23 -25.96
CA ALA D 147 -1.91 -11.58 -25.61
C ALA D 147 -2.93 -11.11 -26.64
N GLU D 148 -4.05 -11.81 -26.71
CA GLU D 148 -5.16 -11.49 -27.62
C GLU D 148 -6.44 -11.53 -26.82
N ALA D 149 -7.44 -10.76 -27.21
CA ALA D 149 -8.70 -10.78 -26.50
C ALA D 149 -9.79 -9.97 -27.17
N GLU D 150 -11.03 -10.40 -26.93
CA GLU D 150 -12.18 -9.68 -27.47
C GLU D 150 -13.00 -9.41 -26.23
N LEU D 151 -13.61 -8.26 -26.16
CA LEU D 151 -14.40 -7.98 -24.99
C LEU D 151 -15.47 -6.98 -25.32
N LYS D 152 -16.56 -7.06 -24.55
CA LYS D 152 -17.68 -6.17 -24.71
C LYS D 152 -17.90 -5.50 -23.37
N ALA D 153 -18.05 -4.17 -23.41
CA ALA D 153 -18.27 -3.39 -22.20
C ALA D 153 -19.43 -2.45 -22.43
N MET D 154 -19.94 -1.87 -21.34
CA MET D 154 -21.04 -0.94 -21.45
C MET D 154 -20.77 0.32 -20.64
N ILE D 155 -21.15 1.46 -21.19
CA ILE D 155 -20.93 2.73 -20.48
C ILE D 155 -22.24 3.09 -19.80
N ALA D 156 -22.16 3.28 -18.49
CA ALA D 156 -23.34 3.60 -17.70
C ALA D 156 -23.13 4.77 -16.74
N GLU D 157 -24.25 5.24 -16.20
CA GLU D 157 -24.29 6.38 -15.27
C GLU D 157 -24.34 5.89 -13.82
N GLN E 9 -34.63 3.57 7.11
CA GLN E 9 -34.21 2.25 6.56
C GLN E 9 -33.68 1.34 7.66
N SER E 10 -33.57 0.04 7.34
CA SER E 10 -33.06 -0.95 8.29
C SER E 10 -31.84 -1.71 7.75
N GLN E 11 -31.58 -1.55 6.45
CA GLN E 11 -30.43 -2.21 5.84
C GLN E 11 -29.69 -1.20 4.95
N PHE E 12 -28.38 -1.11 5.14
CA PHE E 12 -27.57 -0.17 4.36
C PHE E 12 -26.40 -0.86 3.72
N PHE E 13 -26.06 -0.43 2.51
CA PHE E 13 -24.94 -1.01 1.79
C PHE E 13 -23.72 -0.08 1.81
N ILE E 14 -22.57 -0.59 1.40
CA ILE E 14 -21.34 0.18 1.43
C ILE E 14 -21.43 1.63 0.94
N GLU E 15 -22.24 1.91 -0.08
CA GLU E 15 -22.34 3.28 -0.57
C GLU E 15 -23.05 4.19 0.44
N HIS E 16 -23.90 3.57 1.27
CA HIS E 16 -24.63 4.30 2.31
C HIS E 16 -23.71 4.53 3.51
N ILE E 17 -22.82 3.58 3.78
CA ILE E 17 -21.89 3.69 4.89
C ILE E 17 -20.89 4.82 4.61
N LEU E 18 -20.43 4.90 3.37
CA LEU E 18 -19.48 5.92 2.94
C LEU E 18 -20.05 7.33 3.03
N GLN E 19 -21.38 7.45 3.09
CA GLN E 19 -22.01 8.76 3.17
C GLN E 19 -22.27 9.18 4.60
N ILE E 20 -22.15 8.23 5.52
CA ILE E 20 -22.38 8.49 6.94
C ILE E 20 -21.10 8.49 7.77
N LEU E 21 -20.27 7.45 7.63
CA LEU E 21 -19.06 7.38 8.41
C LEU E 21 -17.91 8.18 7.82
N PRO E 22 -17.09 8.80 8.69
CA PRO E 22 -15.96 9.59 8.20
C PRO E 22 -14.83 8.66 7.76
N HIS E 23 -14.71 7.52 8.43
CA HIS E 23 -13.67 6.53 8.15
C HIS E 23 -13.49 6.21 6.68
N ARG E 24 -12.24 5.93 6.30
CA ARG E 24 -11.90 5.59 4.94
C ARG E 24 -10.80 4.55 4.92
N TYR E 25 -10.47 4.02 3.74
CA TYR E 25 -9.43 3.00 3.65
C TYR E 25 -8.12 3.54 4.20
N PRO E 26 -7.41 2.74 5.01
CA PRO E 26 -7.71 1.39 5.47
C PRO E 26 -8.36 1.28 6.87
N MET E 27 -9.25 2.22 7.19
CA MET E 27 -9.91 2.22 8.49
C MET E 27 -11.44 2.21 8.48
N LEU E 28 -12.03 1.89 7.34
CA LEU E 28 -13.48 1.78 7.25
C LEU E 28 -13.69 0.28 7.38
N LEU E 29 -14.10 -0.18 8.56
CA LEU E 29 -14.26 -1.61 8.82
C LEU E 29 -15.67 -2.16 8.96
N VAL E 30 -16.60 -1.64 8.18
CA VAL E 30 -17.98 -2.08 8.18
C VAL E 30 -18.41 -2.11 6.72
N ASP E 31 -18.69 -3.30 6.21
CA ASP E 31 -19.08 -3.44 4.82
C ASP E 31 -20.55 -3.29 4.55
N ARG E 32 -21.39 -3.73 5.49
CA ARG E 32 -22.83 -3.65 5.27
C ARG E 32 -23.60 -3.64 6.61
N ILE E 33 -24.76 -2.99 6.62
CA ILE E 33 -25.60 -2.89 7.82
C ILE E 33 -26.84 -3.76 7.54
N THR E 34 -27.11 -4.76 8.38
CA THR E 34 -28.27 -5.62 8.12
C THR E 34 -29.52 -5.30 8.95
N GLU E 35 -29.33 -4.55 10.02
CA GLU E 35 -30.41 -4.17 10.91
C GLU E 35 -30.08 -2.84 11.59
N LEU E 36 -31.10 -2.05 11.88
CA LEU E 36 -30.89 -0.78 12.53
C LEU E 36 -32.19 -0.33 13.17
N GLN E 37 -32.11 0.07 14.44
CA GLN E 37 -33.26 0.55 15.19
C GLN E 37 -32.80 1.75 16.03
N ALA E 38 -33.20 2.94 15.60
CA ALA E 38 -32.84 4.20 16.24
C ALA E 38 -32.72 4.17 17.76
N ASN E 39 -31.62 4.72 18.24
CA ASN E 39 -31.36 4.81 19.66
C ASN E 39 -31.42 3.48 20.36
N GLN E 40 -31.41 2.38 19.61
CA GLN E 40 -31.51 1.08 20.23
C GLN E 40 -30.40 0.07 19.92
N LYS E 41 -30.43 -0.50 18.72
CA LYS E 41 -29.39 -1.47 18.35
C LYS E 41 -29.07 -1.47 16.86
N ILE E 42 -27.98 -2.14 16.52
CA ILE E 42 -27.56 -2.25 15.12
C ILE E 42 -26.82 -3.56 14.89
N VAL E 43 -27.07 -4.17 13.73
CA VAL E 43 -26.40 -5.42 13.36
C VAL E 43 -25.75 -5.15 12.02
N ALA E 44 -24.43 -5.31 11.96
CA ALA E 44 -23.68 -5.07 10.74
C ALA E 44 -22.54 -6.07 10.62
N TYR E 45 -21.86 -6.08 9.48
CA TYR E 45 -20.75 -7.00 9.31
C TYR E 45 -19.68 -6.47 8.37
N LYS E 46 -18.52 -7.11 8.47
CA LYS E 46 -17.36 -6.80 7.64
C LYS E 46 -16.80 -8.14 7.20
N ASN E 47 -16.61 -8.34 5.91
CA ASN E 47 -16.03 -9.61 5.46
C ASN E 47 -14.54 -9.59 5.70
N ILE E 48 -13.99 -10.74 6.08
CA ILE E 48 -12.57 -10.87 6.33
C ILE E 48 -11.96 -11.68 5.20
N THR E 49 -10.97 -11.11 4.53
CA THR E 49 -10.33 -11.80 3.42
C THR E 49 -8.82 -11.65 3.51
N PHE E 50 -8.08 -12.61 2.97
CA PHE E 50 -6.64 -12.54 3.00
C PHE E 50 -6.16 -11.29 2.25
N ASN E 51 -6.94 -10.85 1.29
CA ASN E 51 -6.60 -9.68 0.50
C ASN E 51 -6.67 -8.35 1.26
N GLU E 52 -6.28 -8.36 2.53
CA GLU E 52 -6.28 -7.15 3.35
C GLU E 52 -4.86 -6.90 3.82
N ASP E 53 -4.42 -5.66 3.72
CA ASP E 53 -3.06 -5.25 4.08
C ASP E 53 -2.59 -5.62 5.48
N VAL E 54 -3.48 -5.59 6.47
CA VAL E 54 -3.10 -5.93 7.85
C VAL E 54 -2.51 -7.33 7.98
N PHE E 55 -2.96 -8.25 7.13
CA PHE E 55 -2.46 -9.61 7.20
C PHE E 55 -0.98 -9.70 6.86
N ASN E 56 -0.50 -8.72 6.10
CA ASN E 56 0.90 -8.70 5.76
C ASN E 56 1.75 -8.81 7.02
N GLY E 57 1.29 -8.20 8.11
CA GLY E 57 2.05 -8.25 9.34
C GLY E 57 1.37 -8.78 10.58
N HIS E 58 0.23 -9.43 10.46
CA HIS E 58 -0.47 -9.95 11.62
C HIS E 58 -1.21 -11.27 11.34
N PHE E 59 -0.47 -12.36 11.21
CA PHE E 59 0.98 -12.35 11.32
C PHE E 59 1.50 -13.02 10.06
N PRO E 60 2.82 -12.97 9.83
CA PRO E 60 3.38 -13.61 8.64
C PRO E 60 3.06 -15.10 8.67
N ASN E 61 2.39 -15.60 7.63
CA ASN E 61 2.03 -17.01 7.52
C ASN E 61 0.98 -17.53 8.51
N LYS E 62 0.40 -16.63 9.31
CA LYS E 62 -0.66 -17.01 10.22
C LYS E 62 -1.61 -15.83 10.30
N PRO E 63 -2.43 -15.63 9.26
CA PRO E 63 -3.41 -14.54 9.17
C PRO E 63 -4.42 -14.54 10.30
N ILE E 64 -4.38 -13.49 11.11
CA ILE E 64 -5.29 -13.32 12.24
C ILE E 64 -5.75 -11.88 12.26
N PHE E 65 -7.05 -11.65 12.04
CA PHE E 65 -7.57 -10.29 12.06
C PHE E 65 -7.32 -9.75 13.46
N PRO E 66 -6.66 -8.58 13.56
CA PRO E 66 -6.37 -7.97 14.87
C PRO E 66 -7.58 -7.77 15.78
N GLY E 67 -7.39 -8.03 17.06
CA GLY E 67 -8.45 -7.87 18.04
C GLY E 67 -8.85 -6.41 18.22
N VAL E 68 -7.87 -5.52 18.19
CA VAL E 68 -8.18 -4.10 18.35
C VAL E 68 -9.04 -3.67 17.18
N LEU E 69 -8.78 -4.22 15.99
CA LEU E 69 -9.57 -3.84 14.83
C LEU E 69 -11.03 -4.33 14.92
N ILE E 70 -11.28 -5.41 15.66
CA ILE E 70 -12.64 -5.90 15.83
C ILE E 70 -13.40 -4.87 16.66
N VAL E 71 -12.74 -4.38 17.69
CA VAL E 71 -13.32 -3.38 18.56
C VAL E 71 -13.65 -2.16 17.73
N GLU E 72 -12.70 -1.74 16.90
CA GLU E 72 -12.90 -0.58 16.03
C GLU E 72 -14.16 -0.78 15.20
N GLY E 73 -14.30 -1.96 14.59
CA GLY E 73 -15.46 -2.27 13.76
C GLY E 73 -16.79 -2.15 14.51
N MET E 74 -16.80 -2.61 15.75
CA MET E 74 -18.01 -2.52 16.56
C MET E 74 -18.24 -1.03 16.80
N ALA E 75 -17.16 -0.32 17.11
CA ALA E 75 -17.23 1.10 17.39
C ALA E 75 -17.78 1.86 16.20
N GLN E 76 -17.33 1.49 15.01
CA GLN E 76 -17.79 2.13 13.80
C GLN E 76 -19.26 1.80 13.54
N SER E 77 -19.69 0.61 13.95
CA SER E 77 -21.07 0.21 13.79
C SER E 77 -21.92 1.11 14.67
N GLY E 78 -21.45 1.29 15.91
CA GLY E 78 -22.15 2.13 16.86
C GLY E 78 -22.23 3.53 16.34
N GLY E 79 -21.13 4.02 15.79
CA GLY E 79 -21.12 5.35 15.24
C GLY E 79 -22.25 5.53 14.24
N PHE E 80 -22.43 4.53 13.38
CA PHE E 80 -23.50 4.61 12.37
C PHE E 80 -24.85 4.72 13.05
N LEU E 81 -25.03 3.91 14.08
CA LEU E 81 -26.26 3.88 14.85
C LEU E 81 -26.45 5.26 15.46
N ALA E 82 -25.41 5.73 16.13
CA ALA E 82 -25.46 7.03 16.79
C ALA E 82 -25.83 8.16 15.83
N PHE E 83 -25.13 8.22 14.70
CA PHE E 83 -25.35 9.28 13.74
C PHE E 83 -26.75 9.34 13.12
N THR E 84 -27.23 8.19 12.64
CA THR E 84 -28.55 8.15 12.03
C THR E 84 -29.69 8.35 13.02
N SER E 85 -29.49 8.00 14.28
CA SER E 85 -30.53 8.20 15.28
C SER E 85 -30.61 9.69 15.53
N LEU E 86 -29.46 10.35 15.43
CA LEU E 86 -29.35 11.78 15.63
C LEU E 86 -29.99 12.61 14.52
N TRP E 87 -29.38 12.57 13.33
CA TRP E 87 -29.87 13.34 12.19
C TRP E 87 -30.53 12.53 11.09
N GLY E 88 -30.67 11.22 11.30
CA GLY E 88 -31.25 10.39 10.26
C GLY E 88 -30.18 10.20 9.19
N PHE E 89 -30.60 9.80 7.99
CA PHE E 89 -29.64 9.58 6.91
C PHE E 89 -29.35 10.88 6.18
N ASP E 90 -28.56 11.74 6.81
CA ASP E 90 -28.20 13.01 6.19
C ASP E 90 -26.72 13.11 5.84
N PRO E 91 -26.34 12.64 4.65
CA PRO E 91 -24.94 12.67 4.21
C PRO E 91 -24.30 14.04 4.34
N GLU E 92 -25.05 15.09 4.00
CA GLU E 92 -24.52 16.44 4.06
C GLU E 92 -24.09 16.87 5.46
N ILE E 93 -24.82 16.47 6.48
CA ILE E 93 -24.45 16.80 7.84
C ILE E 93 -23.28 15.90 8.23
N ALA E 94 -23.38 14.62 7.89
CA ALA E 94 -22.34 13.63 8.19
C ALA E 94 -21.00 13.97 7.56
N LYS E 95 -21.06 14.66 6.42
CA LYS E 95 -19.90 15.10 5.65
C LYS E 95 -18.82 15.76 6.51
N THR E 96 -19.21 16.61 7.45
CA THR E 96 -18.23 17.32 8.29
C THR E 96 -18.04 16.82 9.72
N LYS E 97 -18.40 15.55 9.98
CA LYS E 97 -18.26 14.99 11.32
C LYS E 97 -17.15 13.94 11.43
N ILE E 98 -16.64 13.73 12.64
CA ILE E 98 -15.64 12.69 12.88
C ILE E 98 -16.07 12.02 14.16
N VAL E 99 -15.45 10.91 14.52
CA VAL E 99 -15.82 10.17 15.73
C VAL E 99 -14.61 9.81 16.58
N TYR E 100 -14.61 10.27 17.83
CA TYR E 100 -13.51 9.98 18.74
C TYR E 100 -13.91 8.88 19.69
N PHE E 101 -12.93 8.06 20.05
CA PHE E 101 -13.14 7.00 21.02
C PHE E 101 -12.98 7.72 22.36
N MET E 102 -13.85 7.42 23.33
CA MET E 102 -13.70 8.04 24.64
C MET E 102 -13.19 7.01 25.65
N THR E 103 -13.82 5.83 25.65
CA THR E 103 -13.44 4.76 26.56
C THR E 103 -13.77 3.38 25.98
N ILE E 104 -12.92 2.41 26.31
CA ILE E 104 -13.14 1.01 25.97
C ILE E 104 -13.09 0.16 27.23
N ASP E 105 -14.04 -0.77 27.35
CA ASP E 105 -14.18 -1.57 28.55
C ASP E 105 -14.64 -2.98 28.27
N LYS E 106 -14.24 -3.91 29.13
CA LYS E 106 -14.82 -5.25 29.20
C LYS E 106 -14.87 -5.99 27.88
N VAL E 107 -13.74 -6.02 27.19
CA VAL E 107 -13.59 -6.79 25.99
C VAL E 107 -12.87 -8.10 26.27
N LYS E 108 -13.51 -9.19 25.92
CA LYS E 108 -12.86 -10.50 25.86
C LYS E 108 -12.82 -10.95 24.42
N PHE E 109 -11.71 -11.57 24.01
CA PHE E 109 -11.62 -12.18 22.69
C PHE E 109 -11.67 -13.67 22.96
N ARG E 110 -12.60 -14.38 22.33
CA ARG E 110 -12.78 -15.81 22.58
C ARG E 110 -12.33 -16.73 21.45
N ILE E 111 -12.40 -16.26 20.22
CA ILE E 111 -12.03 -17.04 19.05
C ILE E 111 -11.29 -16.17 18.06
N PRO E 112 -10.18 -16.65 17.50
CA PRO E 112 -9.45 -15.83 16.53
C PRO E 112 -10.25 -15.70 15.24
N VAL E 113 -10.18 -14.53 14.62
CA VAL E 113 -10.90 -14.26 13.38
C VAL E 113 -9.89 -14.33 12.23
N THR E 114 -10.22 -15.10 11.20
CA THR E 114 -9.31 -15.28 10.05
C THR E 114 -10.01 -15.09 8.71
N PRO E 115 -9.21 -15.03 7.61
CA PRO E 115 -9.75 -14.85 6.27
C PRO E 115 -10.84 -15.87 5.99
N GLY E 116 -11.91 -15.42 5.34
CA GLY E 116 -13.00 -16.32 5.03
C GLY E 116 -14.15 -16.08 5.99
N ASP E 117 -13.87 -15.44 7.11
CA ASP E 117 -14.89 -15.16 8.11
C ASP E 117 -15.79 -13.96 7.80
N ARG E 118 -17.02 -14.02 8.29
CA ARG E 118 -17.98 -12.94 8.13
C ARG E 118 -18.15 -12.40 9.55
N LEU E 119 -17.35 -11.38 9.91
CA LEU E 119 -17.39 -10.80 11.26
C LEU E 119 -18.62 -9.93 11.50
N GLU E 120 -19.59 -10.50 12.20
CA GLU E 120 -20.85 -9.81 12.47
C GLU E 120 -20.80 -8.99 13.75
N TYR E 121 -21.11 -7.70 13.62
CA TYR E 121 -21.13 -6.79 14.75
C TYR E 121 -22.55 -6.66 15.29
N HIS E 122 -22.71 -6.88 16.59
CA HIS E 122 -24.01 -6.76 17.26
C HIS E 122 -23.85 -5.73 18.35
N LEU E 123 -24.46 -4.57 18.15
CA LEU E 123 -24.36 -3.50 19.11
C LEU E 123 -25.68 -2.96 19.59
N GLU E 124 -25.71 -2.64 20.86
CA GLU E 124 -26.89 -2.07 21.52
C GLU E 124 -26.43 -0.83 22.24
N VAL E 125 -27.36 0.11 22.42
CA VAL E 125 -27.03 1.35 23.09
C VAL E 125 -27.22 1.15 24.58
N LEU E 126 -26.17 1.41 25.35
CA LEU E 126 -26.25 1.26 26.81
C LEU E 126 -26.67 2.59 27.45
N LYS E 127 -26.31 3.69 26.78
CA LYS E 127 -26.63 5.02 27.28
C LYS E 127 -26.13 6.05 26.25
N HIS E 128 -26.81 7.18 26.17
CA HIS E 128 -26.41 8.23 25.23
C HIS E 128 -27.04 9.57 25.56
N LYS E 129 -26.19 10.58 25.61
CA LYS E 129 -26.56 11.96 25.89
C LYS E 129 -25.90 12.83 24.83
N GLY E 130 -26.72 13.59 24.10
CA GLY E 130 -26.22 14.45 23.06
C GLY E 130 -25.33 13.70 22.10
N MET E 131 -24.05 14.05 22.10
CA MET E 131 -23.07 13.45 21.22
C MET E 131 -22.29 12.25 21.77
N ILE E 132 -22.43 11.97 23.05
CA ILE E 132 -21.71 10.85 23.63
C ILE E 132 -22.57 9.58 23.62
N TRP E 133 -22.04 8.52 23.03
CA TRP E 133 -22.76 7.26 22.95
C TRP E 133 -22.02 6.08 23.57
N GLN E 134 -22.71 5.41 24.50
CA GLN E 134 -22.14 4.27 25.17
C GLN E 134 -22.75 3.01 24.57
N VAL E 135 -21.95 2.28 23.81
CA VAL E 135 -22.43 1.07 23.15
C VAL E 135 -21.78 -0.19 23.69
N GLY E 136 -22.46 -1.32 23.49
CA GLY E 136 -21.94 -2.59 23.97
C GLY E 136 -22.54 -3.73 23.18
N GLY E 137 -21.80 -4.83 23.07
CA GLY E 137 -22.32 -5.96 22.32
C GLY E 137 -21.26 -6.98 22.00
N THR E 138 -21.39 -7.61 20.83
CA THR E 138 -20.45 -8.64 20.42
C THR E 138 -20.12 -8.65 18.95
N ALA E 139 -19.10 -9.45 18.63
CA ALA E 139 -18.64 -9.68 17.28
C ALA E 139 -18.89 -11.18 17.18
N GLN E 140 -19.48 -11.62 16.08
CA GLN E 140 -19.79 -13.04 15.90
C GLN E 140 -19.45 -13.57 14.53
N VAL E 141 -18.97 -14.81 14.48
CA VAL E 141 -18.69 -15.43 13.20
C VAL E 141 -19.45 -16.74 13.20
N ASP E 142 -20.28 -16.94 12.19
CA ASP E 142 -21.03 -18.19 12.11
C ASP E 142 -21.82 -18.39 13.42
N GLY E 143 -22.53 -17.34 13.82
CA GLY E 143 -23.35 -17.35 15.01
C GLY E 143 -22.70 -17.61 16.36
N LYS E 144 -21.37 -17.60 16.44
CA LYS E 144 -20.71 -17.82 17.71
C LYS E 144 -20.00 -16.56 18.18
N VAL E 145 -20.09 -16.27 19.47
CA VAL E 145 -19.45 -15.07 20.02
C VAL E 145 -17.94 -15.18 19.98
N VAL E 146 -17.35 -14.39 19.09
CA VAL E 146 -15.93 -14.37 18.90
C VAL E 146 -15.28 -13.25 19.71
N ALA E 147 -16.10 -12.29 20.14
CA ALA E 147 -15.62 -11.16 20.91
C ALA E 147 -16.75 -10.34 21.52
N GLU E 148 -16.48 -9.80 22.70
CA GLU E 148 -17.46 -8.98 23.40
C GLU E 148 -16.76 -7.73 23.88
N ALA E 149 -17.47 -6.61 23.82
CA ALA E 149 -16.89 -5.35 24.24
C ALA E 149 -17.90 -4.23 24.36
N GLU E 150 -17.55 -3.25 25.18
CA GLU E 150 -18.40 -2.09 25.38
C GLU E 150 -17.52 -0.86 25.21
N LEU E 151 -18.05 0.18 24.59
CA LEU E 151 -17.26 1.38 24.36
C LEU E 151 -18.12 2.63 24.34
N LYS E 152 -17.48 3.76 24.63
CA LYS E 152 -18.13 5.06 24.63
C LYS E 152 -17.42 5.88 23.57
N ALA E 153 -18.16 6.41 22.62
CA ALA E 153 -17.57 7.20 21.55
C ALA E 153 -18.26 8.55 21.50
N MET E 154 -17.65 9.49 20.78
CA MET E 154 -18.20 10.83 20.67
C MET E 154 -18.28 11.35 19.26
N ILE E 155 -19.47 11.81 18.86
CA ILE E 155 -19.65 12.40 17.53
C ILE E 155 -19.24 13.86 17.67
N ALA E 156 -18.35 14.32 16.81
CA ALA E 156 -17.89 15.71 16.89
C ALA E 156 -17.74 16.38 15.52
N GLU E 157 -18.10 17.65 15.47
CA GLU E 157 -17.99 18.44 14.25
C GLU E 157 -16.54 18.72 13.90
N ARG E 158 -16.15 18.43 12.67
CA ARG E 158 -14.77 18.68 12.26
C ARG E 158 -14.58 20.21 12.31
N GLU E 159 -13.46 20.64 12.87
CA GLU E 159 -13.17 22.05 12.97
C GLU E 159 -11.67 22.23 13.04
N SER F 10 20.69 -1.94 27.75
CA SER F 10 19.91 -0.71 28.07
C SER F 10 18.76 -0.45 27.07
N GLN F 11 19.09 0.08 25.90
CA GLN F 11 18.08 0.35 24.89
C GLN F 11 17.98 -0.72 23.80
N PHE F 12 16.77 -1.13 23.46
CA PHE F 12 16.57 -2.11 22.40
C PHE F 12 16.05 -1.36 21.17
N PHE F 13 16.71 -1.52 20.04
CA PHE F 13 16.27 -0.84 18.83
C PHE F 13 15.38 -1.69 17.95
N ILE F 14 14.87 -1.10 16.88
CA ILE F 14 13.95 -1.81 16.00
C ILE F 14 14.34 -3.23 15.59
N GLU F 15 15.61 -3.45 15.29
CA GLU F 15 16.02 -4.79 14.89
C GLU F 15 16.01 -5.80 16.04
N HIS F 16 16.03 -5.31 17.27
CA HIS F 16 15.97 -6.19 18.43
C HIS F 16 14.50 -6.57 18.56
N ILE F 17 13.66 -5.56 18.46
CA ILE F 17 12.23 -5.72 18.55
C ILE F 17 11.78 -6.73 17.51
N LEU F 18 12.29 -6.61 16.28
CA LEU F 18 11.95 -7.54 15.21
C LEU F 18 12.30 -8.98 15.59
N GLN F 19 13.40 -9.16 16.33
CA GLN F 19 13.82 -10.50 16.73
C GLN F 19 12.98 -11.12 17.85
N ILE F 20 12.11 -10.33 18.47
CA ILE F 20 11.27 -10.86 19.55
C ILE F 20 9.78 -10.85 19.20
N LEU F 21 9.29 -9.75 18.67
CA LEU F 21 7.89 -9.66 18.32
C LEU F 21 7.62 -10.22 16.92
N PRO F 22 6.54 -10.99 16.78
CA PRO F 22 6.20 -11.57 15.47
C PRO F 22 5.54 -10.55 14.56
N HIS F 23 5.00 -9.50 15.15
CA HIS F 23 4.31 -8.45 14.40
C HIS F 23 5.19 -7.82 13.32
N ARG F 24 4.57 -7.44 12.21
CA ARG F 24 5.28 -6.82 11.10
C ARG F 24 4.42 -5.75 10.44
N TYR F 25 5.00 -5.02 9.50
CA TYR F 25 4.28 -3.95 8.78
C TYR F 25 2.98 -4.46 8.15
N PRO F 26 1.87 -3.74 8.34
CA PRO F 26 1.71 -2.48 9.08
C PRO F 26 1.12 -2.66 10.47
N MET F 27 1.49 -3.72 11.16
CA MET F 27 0.98 -3.93 12.50
C MET F 27 2.02 -3.97 13.62
N LEU F 28 3.27 -3.64 13.31
CA LEU F 28 4.32 -3.60 14.34
C LEU F 28 4.34 -2.14 14.75
N LEU F 29 3.77 -1.84 15.90
CA LEU F 29 3.66 -0.46 16.35
C LEU F 29 4.56 -0.02 17.51
N VAL F 30 5.74 -0.61 17.63
CA VAL F 30 6.68 -0.22 18.68
C VAL F 30 8.01 -0.02 17.99
N ASP F 31 8.56 1.18 18.08
CA ASP F 31 9.84 1.46 17.44
C ASP F 31 11.06 1.23 18.29
N ARG F 32 10.94 1.51 19.58
CA ARG F 32 12.10 1.36 20.44
C ARG F 32 11.76 1.13 21.91
N ILE F 33 12.63 0.40 22.59
CA ILE F 33 12.47 0.12 24.02
C ILE F 33 13.57 0.92 24.72
N THR F 34 13.18 1.88 25.55
CA THR F 34 14.14 2.72 26.26
C THR F 34 14.41 2.22 27.66
N GLU F 35 13.49 1.44 28.21
CA GLU F 35 13.63 0.94 29.58
C GLU F 35 12.95 -0.43 29.75
N LEU F 36 13.59 -1.32 30.50
CA LEU F 36 13.05 -2.66 30.72
C LEU F 36 13.48 -3.30 32.03
N GLN F 37 12.51 -3.77 32.80
CA GLN F 37 12.79 -4.43 34.08
C GLN F 37 11.94 -5.68 34.24
N ALA F 38 12.60 -6.83 34.12
CA ALA F 38 11.97 -8.15 34.22
C ALA F 38 10.89 -8.27 35.28
N ASN F 39 9.75 -8.83 34.87
CA ASN F 39 8.62 -9.05 35.77
C ASN F 39 8.09 -7.79 36.44
N GLN F 40 8.49 -6.63 35.95
CA GLN F 40 8.01 -5.40 36.57
C GLN F 40 7.41 -4.37 35.64
N LYS F 41 8.23 -3.75 34.80
CA LYS F 41 7.73 -2.70 33.91
C LYS F 41 8.51 -2.53 32.62
N ILE F 42 7.93 -1.76 31.71
CA ILE F 42 8.58 -1.45 30.45
C ILE F 42 8.14 -0.09 29.93
N VAL F 43 9.09 0.65 29.37
CA VAL F 43 8.81 1.96 28.78
C VAL F 43 9.33 1.86 27.36
N ALA F 44 8.46 2.16 26.39
CA ALA F 44 8.83 2.10 24.99
C ALA F 44 8.08 3.19 24.27
N TYR F 45 8.34 3.35 22.98
CA TYR F 45 7.63 4.36 22.21
C TYR F 45 7.61 4.06 20.73
N LYS F 46 6.73 4.78 20.05
CA LYS F 46 6.56 4.71 18.61
C LYS F 46 6.40 6.14 18.10
N ASN F 47 7.12 6.47 17.02
CA ASN F 47 6.97 7.79 16.45
C ASN F 47 5.71 7.78 15.59
N ILE F 48 5.02 8.91 15.58
CA ILE F 48 3.81 9.05 14.79
C ILE F 48 4.13 10.07 13.72
N THR F 49 4.06 9.64 12.46
CA THR F 49 4.39 10.48 11.34
C THR F 49 3.23 10.51 10.37
N PHE F 50 3.13 11.54 9.54
CA PHE F 50 2.03 11.59 8.59
C PHE F 50 2.20 10.49 7.54
N ASN F 51 3.43 10.07 7.34
CA ASN F 51 3.80 9.04 6.36
C ASN F 51 3.43 7.60 6.74
N GLU F 52 2.24 7.41 7.30
CA GLU F 52 1.78 6.08 7.68
C GLU F 52 0.44 5.86 6.97
N ASP F 53 0.29 4.71 6.32
CA ASP F 53 -0.91 4.39 5.55
C ASP F 53 -2.23 4.60 6.30
N VAL F 54 -2.23 4.27 7.58
CA VAL F 54 -3.43 4.40 8.39
C VAL F 54 -4.06 5.80 8.34
N PHE F 55 -3.26 6.82 8.08
CA PHE F 55 -3.80 8.18 8.07
C PHE F 55 -4.64 8.54 6.83
N ASN F 56 -4.64 7.69 5.83
CA ASN F 56 -5.44 7.97 4.65
C ASN F 56 -6.93 7.88 4.97
N GLY F 57 -7.28 7.02 5.92
CA GLY F 57 -8.68 6.89 6.28
C GLY F 57 -8.99 7.19 7.73
N HIS F 58 -8.07 7.82 8.46
CA HIS F 58 -8.37 8.10 9.85
C HIS F 58 -7.81 9.42 10.37
N PHE F 59 -8.37 10.54 9.95
CA PHE F 59 -9.48 10.59 9.00
C PHE F 59 -9.02 11.53 7.91
N PRO F 60 -9.66 11.48 6.74
CA PRO F 60 -9.23 12.37 5.66
C PRO F 60 -9.20 13.84 6.12
N ASN F 61 -8.13 14.55 5.74
CA ASN F 61 -7.93 15.95 6.09
C ASN F 61 -7.87 16.22 7.61
N LYS F 62 -7.78 15.16 8.41
CA LYS F 62 -7.71 15.30 9.87
C LYS F 62 -7.07 14.04 10.46
N PRO F 63 -5.73 13.94 10.43
CA PRO F 63 -5.01 12.78 10.96
C PRO F 63 -5.07 12.60 12.48
N ILE F 64 -5.57 11.45 12.88
CA ILE F 64 -5.71 11.09 14.29
C ILE F 64 -5.27 9.63 14.38
N PHE F 65 -4.20 9.38 15.11
CA PHE F 65 -3.72 8.00 15.25
C PHE F 65 -4.84 7.23 15.93
N PRO F 66 -5.27 6.11 15.35
CA PRO F 66 -6.35 5.33 15.98
C PRO F 66 -6.13 5.00 17.46
N GLY F 67 -7.12 5.33 18.28
CA GLY F 67 -7.01 5.03 19.70
C GLY F 67 -6.76 3.54 19.91
N VAL F 68 -7.39 2.71 19.07
CA VAL F 68 -7.24 1.28 19.19
C VAL F 68 -5.82 0.82 18.88
N LEU F 69 -5.10 1.60 18.08
CA LEU F 69 -3.73 1.25 17.74
C LEU F 69 -2.78 1.68 18.86
N ILE F 70 -3.26 2.58 19.72
CA ILE F 70 -2.46 3.01 20.86
C ILE F 70 -2.46 1.81 21.79
N VAL F 71 -3.65 1.27 22.03
CA VAL F 71 -3.79 0.10 22.89
C VAL F 71 -2.94 -1.03 22.30
N GLU F 72 -2.96 -1.18 20.98
CA GLU F 72 -2.18 -2.25 20.34
C GLU F 72 -0.68 -2.04 20.57
N GLY F 73 -0.25 -0.78 20.57
CA GLY F 73 1.15 -0.46 20.81
C GLY F 73 1.52 -0.77 22.24
N MET F 74 0.59 -0.52 23.15
CA MET F 74 0.81 -0.81 24.56
C MET F 74 0.86 -2.33 24.77
N ALA F 75 0.01 -3.03 24.03
CA ALA F 75 -0.07 -4.48 24.12
C ALA F 75 1.23 -5.12 23.64
N GLN F 76 1.76 -4.60 22.54
CA GLN F 76 3.01 -5.13 22.02
C GLN F 76 4.11 -4.86 23.04
N SER F 77 4.10 -3.66 23.63
CA SER F 77 5.12 -3.32 24.62
C SER F 77 5.12 -4.36 25.72
N GLY F 78 3.94 -4.69 26.20
CA GLY F 78 3.84 -5.69 27.23
C GLY F 78 4.24 -7.04 26.67
N GLY F 79 4.04 -7.21 25.37
CA GLY F 79 4.40 -8.47 24.74
C GLY F 79 5.89 -8.66 24.87
N PHE F 80 6.65 -7.63 24.55
CA PHE F 80 8.11 -7.67 24.62
C PHE F 80 8.56 -7.92 26.07
N LEU F 81 7.84 -7.33 27.01
CA LEU F 81 8.17 -7.49 28.42
C LEU F 81 7.85 -8.93 28.80
N ALA F 82 6.82 -9.48 28.17
CA ALA F 82 6.43 -10.86 28.41
C ALA F 82 7.49 -11.85 27.88
N PHE F 83 7.86 -11.72 26.61
CA PHE F 83 8.86 -12.62 26.02
C PHE F 83 10.15 -12.60 26.83
N THR F 84 10.68 -11.40 27.05
CA THR F 84 11.93 -11.26 27.78
C THR F 84 11.89 -11.75 29.21
N SER F 85 10.82 -11.43 29.94
CA SER F 85 10.71 -11.87 31.33
C SER F 85 10.68 -13.40 31.41
N LEU F 86 10.20 -14.02 30.34
CA LEU F 86 10.05 -15.45 30.29
C LEU F 86 11.29 -16.24 29.88
N TRP F 87 11.94 -15.81 28.79
CA TRP F 87 13.12 -16.49 28.28
C TRP F 87 14.30 -15.57 28.00
N GLY F 88 14.18 -14.30 28.33
CA GLY F 88 15.25 -13.36 28.07
C GLY F 88 15.29 -13.02 26.59
N PHE F 89 16.38 -12.41 26.13
CA PHE F 89 16.46 -12.06 24.72
C PHE F 89 16.86 -13.30 23.93
N ASP F 90 15.88 -14.14 23.61
CA ASP F 90 16.13 -15.37 22.86
C ASP F 90 15.37 -15.34 21.54
N PRO F 91 15.94 -14.75 20.49
CA PRO F 91 15.29 -14.67 19.18
C PRO F 91 14.86 -16.02 18.64
N GLU F 92 15.65 -17.05 18.92
CA GLU F 92 15.35 -18.39 18.42
C GLU F 92 14.00 -18.92 18.95
N ILE F 93 13.76 -18.75 20.24
CA ILE F 93 12.49 -19.21 20.80
C ILE F 93 11.39 -18.29 20.31
N ALA F 94 11.64 -16.98 20.36
CA ALA F 94 10.67 -15.99 19.90
C ALA F 94 10.04 -16.31 18.53
N LYS F 95 10.87 -16.46 17.50
CA LYS F 95 10.41 -16.74 16.13
C LYS F 95 9.35 -17.82 16.02
N THR F 96 9.20 -18.60 17.08
CA THR F 96 8.22 -19.67 17.05
C THR F 96 6.85 -19.34 17.65
N LYS F 97 6.76 -18.24 18.39
CA LYS F 97 5.48 -17.86 19.02
C LYS F 97 4.76 -16.71 18.33
N ILE F 98 3.54 -16.45 18.82
CA ILE F 98 2.71 -15.33 18.38
C ILE F 98 2.01 -14.86 19.66
N VAL F 99 1.34 -13.72 19.58
CA VAL F 99 0.66 -13.17 20.74
C VAL F 99 -0.81 -12.93 20.45
N TYR F 100 -1.67 -13.45 21.33
CA TYR F 100 -3.12 -13.29 21.21
C TYR F 100 -3.66 -12.36 22.28
N PHE F 101 -4.58 -11.49 21.87
CA PHE F 101 -5.25 -10.58 22.77
C PHE F 101 -6.33 -11.37 23.49
N MET F 102 -6.42 -11.22 24.81
CA MET F 102 -7.44 -11.94 25.57
C MET F 102 -8.51 -10.99 26.12
N THR F 103 -8.05 -9.92 26.77
CA THR F 103 -8.95 -8.92 27.35
C THR F 103 -8.34 -7.54 27.33
N ILE F 104 -9.21 -6.53 27.33
CA ILE F 104 -8.80 -5.14 27.35
C ILE F 104 -9.78 -4.51 28.31
N ASP F 105 -9.32 -3.62 29.17
CA ASP F 105 -10.24 -3.00 30.10
C ASP F 105 -9.69 -1.70 30.68
N LYS F 106 -10.61 -0.87 31.18
CA LYS F 106 -10.27 0.42 31.78
C LYS F 106 -9.49 1.34 30.84
N VAL F 107 -9.85 1.37 29.56
CA VAL F 107 -9.11 2.26 28.67
C VAL F 107 -9.81 3.62 28.54
N LYS F 108 -9.00 4.67 28.51
CA LYS F 108 -9.52 6.02 28.38
C LYS F 108 -8.56 6.83 27.53
N PHE F 109 -9.12 7.57 26.59
CA PHE F 109 -8.33 8.42 25.72
C PHE F 109 -8.63 9.84 26.15
N ARG F 110 -7.59 10.57 26.53
CA ARG F 110 -7.76 11.95 26.98
C ARG F 110 -7.29 12.93 25.93
N ILE F 111 -6.20 12.61 25.24
CA ILE F 111 -5.66 13.52 24.25
C ILE F 111 -5.41 12.85 22.92
N PRO F 112 -5.77 13.50 21.81
CA PRO F 112 -5.56 12.93 20.47
C PRO F 112 -4.09 12.90 20.10
N VAL F 113 -3.64 11.79 19.52
CA VAL F 113 -2.27 11.64 19.07
C VAL F 113 -2.30 11.98 17.58
N THR F 114 -1.31 12.76 17.13
CA THR F 114 -1.25 13.20 15.74
C THR F 114 0.16 13.08 15.18
N PRO F 115 0.31 13.25 13.85
CA PRO F 115 1.66 13.15 13.27
C PRO F 115 2.59 14.12 13.99
N GLY F 116 3.81 13.66 14.27
CA GLY F 116 4.76 14.51 14.95
C GLY F 116 4.95 14.15 16.41
N ASP F 117 4.00 13.42 16.97
CA ASP F 117 4.08 13.01 18.36
C ASP F 117 4.93 11.78 18.59
N ARG F 118 5.60 11.76 19.73
CA ARG F 118 6.41 10.64 20.15
C ARG F 118 5.49 9.91 21.13
N LEU F 119 4.87 8.83 20.67
CA LEU F 119 3.95 8.06 21.51
C LEU F 119 4.67 7.10 22.45
N GLU F 120 4.76 7.49 23.71
CA GLU F 120 5.46 6.68 24.71
C GLU F 120 4.56 5.73 25.53
N TYR F 121 4.96 4.46 25.56
CA TYR F 121 4.22 3.41 26.29
C TYR F 121 4.82 3.15 27.66
N HIS F 122 3.96 3.10 28.67
CA HIS F 122 4.40 2.83 30.04
C HIS F 122 3.54 1.70 30.59
N LEU F 123 4.13 0.52 30.71
CA LEU F 123 3.37 -0.60 31.23
C LEU F 123 4.06 -1.33 32.37
N GLU F 124 3.26 -1.80 33.31
CA GLU F 124 3.79 -2.58 34.43
C GLU F 124 3.01 -3.87 34.51
N VAL F 125 3.64 -4.88 35.09
CA VAL F 125 3.02 -6.19 35.26
C VAL F 125 2.00 -6.14 36.39
N LEU F 126 0.82 -6.68 36.15
CA LEU F 126 -0.20 -6.69 37.19
C LEU F 126 -0.28 -8.12 37.71
N LYS F 127 -0.25 -9.07 36.80
CA LYS F 127 -0.28 -10.49 37.15
C LYS F 127 0.11 -11.30 35.92
N HIS F 128 0.78 -12.42 36.15
CA HIS F 128 1.20 -13.28 35.06
C HIS F 128 1.39 -14.74 35.53
N LYS F 129 1.10 -15.67 34.62
CA LYS F 129 1.21 -17.08 34.92
C LYS F 129 1.39 -17.76 33.58
N GLY F 130 2.47 -18.52 33.44
CA GLY F 130 2.74 -19.19 32.18
C GLY F 130 2.79 -18.19 31.05
N MET F 131 1.97 -18.43 30.01
CA MET F 131 1.91 -17.56 28.84
C MET F 131 0.88 -16.44 28.98
N ILE F 132 0.11 -16.47 30.07
CA ILE F 132 -0.93 -15.46 30.29
C ILE F 132 -0.37 -14.28 31.06
N TRP F 133 -0.51 -13.09 30.47
CA TRP F 133 0.01 -11.89 31.11
C TRP F 133 -0.97 -10.73 31.16
N GLN F 134 -1.12 -10.16 32.36
CA GLN F 134 -2.00 -9.01 32.53
C GLN F 134 -1.17 -7.77 32.88
N VAL F 135 -1.15 -6.80 31.96
CA VAL F 135 -0.39 -5.58 32.19
C VAL F 135 -1.28 -4.35 32.11
N GLY F 136 -0.81 -3.25 32.69
CA GLY F 136 -1.56 -2.02 32.70
C GLY F 136 -0.63 -0.81 32.68
N GLY F 137 -1.17 0.34 32.33
CA GLY F 137 -0.36 1.54 32.29
C GLY F 137 -0.93 2.67 31.45
N THR F 138 -0.04 3.48 30.89
CA THR F 138 -0.46 4.61 30.11
C THR F 138 0.34 4.81 28.84
N ALA F 139 -0.15 5.72 28.00
CA ALA F 139 0.48 6.12 26.76
C ALA F 139 0.65 7.61 26.99
N GLN F 140 1.86 8.12 26.76
CA GLN F 140 2.15 9.53 26.99
C GLN F 140 2.77 10.28 25.82
N VAL F 141 2.47 11.57 25.74
CA VAL F 141 3.03 12.44 24.70
C VAL F 141 3.55 13.67 25.44
N ASP F 142 4.87 13.85 25.38
CA ASP F 142 5.53 14.97 26.05
C ASP F 142 5.20 14.99 27.54
N GLY F 143 5.31 13.84 28.20
CA GLY F 143 5.04 13.77 29.61
C GLY F 143 3.60 13.84 30.07
N LYS F 144 2.66 13.93 29.13
CA LYS F 144 1.23 13.99 29.47
C LYS F 144 0.54 12.67 29.15
N VAL F 145 -0.42 12.28 29.98
CA VAL F 145 -1.13 11.03 29.74
C VAL F 145 -2.14 11.18 28.63
N VAL F 146 -1.81 10.61 27.49
CA VAL F 146 -2.66 10.67 26.32
C VAL F 146 -3.71 9.57 26.39
N ALA F 147 -3.41 8.50 27.14
CA ALA F 147 -4.33 7.39 27.28
C ALA F 147 -3.87 6.37 28.31
N GLU F 148 -4.82 5.65 28.88
CA GLU F 148 -4.52 4.62 29.87
C GLU F 148 -5.31 3.38 29.52
N ALA F 149 -4.81 2.22 29.94
CA ALA F 149 -5.53 0.99 29.65
C ALA F 149 -4.98 -0.20 30.42
N GLU F 150 -5.68 -1.32 30.28
CA GLU F 150 -5.27 -2.56 30.91
C GLU F 150 -5.57 -3.70 29.94
N LEU F 151 -4.67 -4.65 29.89
CA LEU F 151 -4.86 -5.75 28.98
C LEU F 151 -4.15 -7.02 29.40
N LYS F 152 -4.74 -8.13 28.97
CA LYS F 152 -4.20 -9.44 29.24
C LYS F 152 -4.02 -10.09 27.88
N ALA F 153 -2.81 -10.59 27.63
CA ALA F 153 -2.51 -11.25 26.38
C ALA F 153 -1.95 -12.63 26.64
N MET F 154 -1.85 -13.43 25.58
CA MET F 154 -1.33 -14.77 25.70
C MET F 154 -0.33 -15.09 24.60
N ILE F 155 0.85 -15.57 24.99
CA ILE F 155 1.89 -15.95 24.03
C ILE F 155 1.60 -17.40 23.71
N ALA F 156 1.63 -17.75 22.42
CA ALA F 156 1.34 -19.12 22.01
C ALA F 156 2.25 -19.67 20.91
N GLU F 157 2.36 -20.99 20.87
CA GLU F 157 3.17 -21.66 19.86
C GLU F 157 2.45 -21.44 18.54
N ARG F 158 3.22 -21.22 17.49
CA ARG F 158 2.63 -21.01 16.16
C ARG F 158 2.27 -22.40 15.62
N GLU F 159 2.45 -23.43 16.46
CA GLU F 159 2.16 -24.83 16.11
C GLU F 159 1.85 -25.08 14.64
CL CL G . 10.18 16.51 -7.82
C1 BEN H . 7.26 5.28 -1.44
C2 BEN H . 7.71 5.87 -2.60
C3 BEN H . 8.96 6.47 -2.66
C4 BEN H . 9.78 6.48 -1.54
C5 BEN H . 9.34 5.89 -0.37
C6 BEN H . 8.08 5.29 -0.31
C BEN H . 6.02 4.67 -1.39
N1 BEN H . 5.49 4.29 -0.22
N2 BEN H . 5.35 4.42 -2.52
C1 BEN I . 33.53 7.11 -19.25
C2 BEN I . 32.93 8.22 -19.80
C3 BEN I . 33.03 9.46 -19.17
C4 BEN I . 33.73 9.57 -17.97
C5 BEN I . 34.33 8.45 -17.41
C6 BEN I . 34.23 7.21 -18.05
C BEN I . 33.42 5.86 -19.86
N1 BEN I . 32.36 5.59 -20.62
N2 BEN I . 34.39 4.97 -19.73
C1 BEN J . 36.39 1.81 3.02
C2 BEN J . 35.20 1.19 2.64
C3 BEN J . 34.04 1.39 3.39
C4 BEN J . 34.08 2.21 4.50
C5 BEN J . 35.26 2.83 4.89
C6 BEN J . 36.42 2.62 4.15
C BEN J . 37.55 1.63 2.27
N1 BEN J . 37.47 1.15 1.03
N2 BEN J . 38.74 1.90 2.79
CL CL K . 20.71 5.44 1.66
C1 BEN L . 0.70 37.31 5.77
C2 BEN L . 1.71 37.29 4.80
C3 BEN L . 3.01 37.61 5.14
C4 BEN L . 3.32 37.96 6.44
C5 BEN L . 2.33 37.99 7.42
C6 BEN L . 1.02 37.67 7.08
C BEN L . -0.59 36.95 5.44
N1 BEN L . -0.81 36.10 4.43
N2 BEN L . -1.62 37.48 6.10
C1 BEN M . 5.06 24.33 -2.82
C2 BEN M . 4.00 24.64 -3.67
C3 BEN M . 3.14 25.69 -3.35
C4 BEN M . 3.34 26.43 -2.19
C5 BEN M . 4.39 26.11 -1.35
C6 BEN M . 5.26 25.07 -1.66
C BEN M . 5.90 23.25 -3.12
N1 BEN M . 6.90 22.94 -2.30
N2 BEN M . 5.70 22.55 -4.22
CAK 3BE N . 9.65 20.85 -12.98
CAP 3BE N . 10.96 20.46 -13.33
BRAD 3BE N . 12.02 21.46 -14.52
CAI 3BE N . 11.50 19.32 -12.79
CAH 3BE N . 10.75 18.56 -11.91
CAJ 3BE N . 9.47 18.95 -11.55
CAU 3BE N . 8.91 20.10 -12.08
CAO 3BE N . 7.47 20.44 -11.68
OAA 3BE N . 6.71 20.95 -12.49
NAN 3BE N . 7.07 20.04 -10.46
NAM 3BE N . 5.92 20.23 -10.06
CAG 3BE N . 5.03 20.84 -10.85
CAT 3BE N . 3.68 21.04 -10.54
CAL 3BE N . 3.07 20.50 -9.40
CAQ 3BE N . 1.71 20.71 -9.16
BRAE 3BE N . 0.84 20.03 -7.61
CAR 3BE N . 0.97 21.44 -10.08
OAB 3BE N . -0.35 21.64 -9.86
CAV 3BE N . 1.56 21.96 -11.22
BRAF 3BE N . 0.51 22.93 -12.47
CAS 3BE N . 2.91 21.74 -11.45
OAC 3BE N . 3.49 22.24 -12.56
CL CL O . -15.61 -4.75 -14.01
C1 BEN P . -4.42 -37.38 -3.82
C2 BEN P . -3.62 -37.93 -2.82
C3 BEN P . -2.32 -38.32 -3.09
C4 BEN P . -1.81 -38.16 -4.38
C5 BEN P . -2.61 -37.61 -5.38
C6 BEN P . -3.91 -37.23 -5.10
C BEN P . -5.72 -36.97 -3.53
N1 BEN P . -6.27 -37.34 -2.38
N2 BEN P . -6.38 -36.18 -4.37
CAK 3BE Q . 4.60 -18.52 -11.14
CAP 3BE Q . 5.82 -18.78 -10.51
BRAD 3BE Q . 6.03 -18.69 -8.64
CAI 3BE Q . 6.93 -19.11 -11.28
CAH 3BE Q . 6.84 -19.20 -12.66
CAJ 3BE Q . 5.63 -18.94 -13.29
CAU 3BE Q . 4.50 -18.63 -12.54
CAO 3BE Q . 3.23 -18.35 -13.34
OAA 3BE Q . 3.33 -17.56 -14.28
NAN 3BE Q . 2.06 -18.93 -13.06
NAM 3BE Q . 1.63 -19.73 -12.22
CAG 3BE Q . 2.16 -20.38 -11.21
CAT 3BE Q . 1.25 -21.19 -10.55
CAL 3BE Q . 1.62 -22.31 -9.83
CAQ 3BE Q . 0.65 -23.10 -9.21
BRAE 3BE Q . 1.14 -24.62 -8.20
CAR 3BE Q . -0.69 -22.78 -9.32
OAB 3BE Q . -1.62 -23.55 -8.71
CAV 3BE Q . -1.07 -21.66 -10.05
BRAF 3BE Q . -2.91 -21.19 -10.21
CAS 3BE Q . -0.11 -20.88 -10.67
OAC 3BE Q . -0.52 -19.80 -11.38
CL CL R . -1.04 -14.81 -15.13
CL CL S . -5.12 -10.04 18.06
CL CL T . -9.96 7.25 18.09
#